data_3RPM
#
_entry.id   3RPM
#
_cell.length_a   173.984
_cell.length_b   173.984
_cell.length_c   108.204
_cell.angle_alpha   90.00
_cell.angle_beta   90.00
_cell.angle_gamma   120.00
#
_symmetry.space_group_name_H-M   'P 31 2 1'
#
loop_
_entity.id
_entity.type
_entity.pdbx_description
1 polymer Beta-N-acetyl-hexosaminidase
2 non-polymer 2-acetamido-2-deoxy-beta-D-glucopyranose
3 non-polymer 'PENTAETHYLENE GLYCOL'
4 water water
#
_entity_poly.entity_id   1
_entity_poly.type   'polypeptide(L)'
_entity_poly.pdbx_seq_one_letter_code
;RAATVNEKLAKKKIVSIDAGRKYFSPEQLKEIIDKAKHYGYTDLHLLVGNDGLRF(MSE)LDD(MSE)SITANGKTYASD
DVKRAIEKGTNDYYNDPNGNHLTESQ(MSE)TDLINYAKDKGIGLIPTVNSPGH(MSE)DAILNA(MSE)KELGIQNPNF
SYFGKKSARTVDLDNEQAVAFTKALIDKYAAYFAKKTEIFNIGLDEYANDATDAKGWSVLQADKYYPNEGYPVKGYEKFI
AYANDLARIVKSHGLKP(MSE)AFNDGIYYNSDTSFGSFDKDIIVS(MSE)WTGGWGGYDVASSKLLAEKGHQILNTNDA
WCYVLGRNADGQGWYNLDQGLNGIKNTPITSVPKTEGADIPIIGG(MSE)VAAWADTPSARYSPSHLFKL(MSE)RHFAN
ANAEYFAADYESAEQALNEVPKDLNRYTAESVAAVKEAEKAIRSLDSNLSRAQQDTIDQAIAKLQETVNNLTLTPEAQKE
EEAKREVEKLAKNKVISIDAGRK
;
_entity_poly.pdbx_strand_id   A,B
#
# COMPACT_ATOMS: atom_id res chain seq x y z
N ASN A 6 18.05 -10.45 -1.30
CA ASN A 6 18.77 -11.58 -0.61
C ASN A 6 17.96 -12.17 0.54
N GLU A 7 17.80 -11.42 1.63
CA GLU A 7 16.70 -11.66 2.57
C GLU A 7 15.36 -11.43 1.86
N LYS A 8 15.35 -10.53 0.87
CA LYS A 8 14.16 -10.31 0.05
C LYS A 8 13.90 -11.52 -0.85
N LEU A 9 14.96 -12.03 -1.46
CA LEU A 9 14.86 -13.19 -2.32
C LEU A 9 14.46 -14.46 -1.58
N ALA A 10 14.82 -14.55 -0.31
CA ALA A 10 14.46 -15.70 0.52
C ALA A 10 12.96 -15.76 0.90
N LYS A 11 12.19 -14.69 0.65
CA LYS A 11 10.75 -14.69 0.96
C LYS A 11 10.03 -15.61 0.00
N LYS A 12 8.85 -16.11 0.41
CA LYS A 12 7.99 -16.79 -0.54
C LYS A 12 7.24 -15.80 -1.42
N LYS A 13 7.08 -16.18 -2.68
CA LYS A 13 6.24 -15.44 -3.57
C LYS A 13 5.26 -16.43 -4.14
N ILE A 14 3.98 -16.22 -3.85
CA ILE A 14 3.00 -17.26 -4.11
C ILE A 14 1.86 -16.76 -4.96
N VAL A 15 1.38 -17.59 -5.87
CA VAL A 15 0.11 -17.35 -6.54
C VAL A 15 -0.92 -18.34 -5.99
N SER A 16 -2.10 -17.83 -5.63
CA SER A 16 -3.19 -18.64 -5.15
C SER A 16 -4.28 -18.84 -6.20
N ILE A 17 -4.72 -20.08 -6.36
CA ILE A 17 -5.72 -20.46 -7.35
C ILE A 17 -6.86 -21.23 -6.66
N ASP A 18 -8.08 -20.72 -6.83
CA ASP A 18 -9.30 -21.32 -6.28
C ASP A 18 -9.77 -22.50 -7.15
N ALA A 19 -9.19 -23.66 -6.94
CA ALA A 19 -9.59 -24.88 -7.64
C ALA A 19 -10.47 -25.75 -6.73
N GLY A 20 -11.18 -25.08 -5.82
CA GLY A 20 -12.17 -25.71 -4.99
C GLY A 20 -13.57 -25.44 -5.51
N ARG A 21 -13.86 -24.18 -5.79
CA ARG A 21 -15.16 -23.80 -6.33
C ARG A 21 -15.27 -24.25 -7.79
N LYS A 22 -14.14 -24.23 -8.48
CA LYS A 22 -14.07 -24.36 -9.92
C LYS A 22 -13.00 -25.35 -10.34
N TYR A 23 -13.27 -26.13 -11.39
CA TYR A 23 -12.33 -27.13 -11.90
C TYR A 23 -11.22 -26.51 -12.75
N PHE A 24 -9.97 -26.89 -12.44
CA PHE A 24 -8.81 -26.58 -13.26
C PHE A 24 -8.16 -27.90 -13.66
N SER A 25 -7.88 -28.08 -14.94
CA SER A 25 -7.21 -29.29 -15.42
C SER A 25 -5.74 -29.30 -15.05
N PRO A 26 -5.13 -30.50 -15.06
CA PRO A 26 -3.68 -30.57 -14.87
C PRO A 26 -2.90 -29.70 -15.89
N GLU A 27 -3.38 -29.62 -17.13
CA GLU A 27 -2.69 -28.87 -18.17
C GLU A 27 -2.70 -27.38 -17.80
N GLN A 28 -3.87 -26.88 -17.40
CA GLN A 28 -4.03 -25.50 -16.96
C GLN A 28 -3.12 -25.11 -15.77
N LEU A 29 -2.96 -26.04 -14.83
CA LEU A 29 -2.16 -25.78 -13.65
C LEU A 29 -0.68 -25.81 -13.96
N LYS A 30 -0.28 -26.70 -14.87
CA LYS A 30 1.11 -26.75 -15.33
C LYS A 30 1.51 -25.46 -16.03
N GLU A 31 0.60 -24.90 -16.82
CA GLU A 31 0.80 -23.62 -17.45
C GLU A 31 0.98 -22.49 -16.40
N ILE A 32 0.16 -22.54 -15.34
CA ILE A 32 0.29 -21.59 -14.23
C ILE A 32 1.64 -21.75 -13.57
N ILE A 33 2.04 -22.98 -13.34
CA ILE A 33 3.35 -23.28 -12.77
C ILE A 33 4.51 -22.77 -13.64
N ASP A 34 4.39 -22.91 -14.97
CA ASP A 34 5.43 -22.42 -15.90
C ASP A 34 5.59 -20.92 -15.75
N LYS A 35 4.46 -20.22 -15.70
CA LYS A 35 4.45 -18.77 -15.49
C LYS A 35 5.02 -18.38 -14.13
N ALA A 36 4.63 -19.10 -13.08
CA ALA A 36 5.15 -18.86 -11.74
C ALA A 36 6.67 -18.93 -11.74
N LYS A 37 7.21 -19.98 -12.35
CA LYS A 37 8.66 -20.12 -12.45
C LYS A 37 9.29 -18.97 -13.26
N HIS A 38 8.70 -18.65 -14.42
CA HIS A 38 9.18 -17.61 -15.33
C HIS A 38 9.24 -16.24 -14.60
N TYR A 39 8.16 -15.87 -13.90
CA TYR A 39 8.08 -14.60 -13.18
C TYR A 39 8.83 -14.52 -11.87
N GLY A 40 9.36 -15.65 -11.40
CA GLY A 40 10.18 -15.66 -10.17
C GLY A 40 9.46 -15.98 -8.85
N TYR A 41 8.26 -16.56 -8.96
CA TYR A 41 7.52 -17.03 -7.78
C TYR A 41 8.20 -18.25 -7.16
N THR A 42 7.85 -18.59 -5.92
CA THR A 42 8.34 -19.83 -5.29
C THR A 42 7.27 -20.94 -5.11
N ASP A 43 5.99 -20.60 -5.12
CA ASP A 43 4.96 -21.60 -4.78
C ASP A 43 3.65 -21.35 -5.48
N LEU A 44 2.93 -22.44 -5.69
CA LEU A 44 1.55 -22.39 -6.11
C LEU A 44 0.71 -22.79 -4.90
N HIS A 45 -0.27 -21.94 -4.55
CA HIS A 45 -1.21 -22.20 -3.47
C HIS A 45 -2.48 -22.68 -4.13
N LEU A 46 -2.75 -23.98 -4.00
CA LEU A 46 -3.90 -24.57 -4.69
C LEU A 46 -5.01 -24.90 -3.71
N LEU A 47 -6.11 -24.16 -3.74
CA LEU A 47 -7.25 -24.58 -2.94
C LEU A 47 -7.96 -25.72 -3.71
N VAL A 48 -8.17 -26.83 -3.03
CA VAL A 48 -8.89 -27.97 -3.62
C VAL A 48 -10.18 -28.20 -2.85
N GLY A 49 -10.18 -27.85 -1.57
CA GLY A 49 -11.40 -27.83 -0.77
C GLY A 49 -11.78 -26.42 -0.42
N ASN A 50 -12.82 -25.92 -1.07
CA ASN A 50 -13.30 -24.55 -0.88
C ASN A 50 -14.67 -24.52 -1.55
N ASP A 51 -15.71 -24.77 -0.75
CA ASP A 51 -17.09 -25.08 -1.23
C ASP A 51 -17.14 -26.46 -1.92
N GLY A 52 -16.58 -26.55 -3.12
CA GLY A 52 -16.38 -27.85 -3.75
C GLY A 52 -15.20 -28.55 -3.11
N LEU A 53 -15.11 -29.87 -3.29
CA LEU A 53 -13.89 -30.60 -3.00
C LEU A 53 -13.42 -31.33 -4.25
N ARG A 54 -12.33 -30.84 -4.83
CA ARG A 54 -11.95 -31.21 -6.19
C ARG A 54 -10.60 -31.90 -6.29
N PHE A 55 -10.28 -32.68 -5.27
CA PHE A 55 -9.14 -33.56 -5.27
C PHE A 55 -9.56 -34.84 -4.53
N LEU A 57 -8.50 -38.74 -3.25
CA LEU A 57 -7.49 -39.76 -3.07
C LEU A 57 -7.95 -41.09 -3.68
N ASP A 58 -7.01 -41.97 -3.99
CA ASP A 58 -7.34 -43.33 -4.46
C ASP A 58 -8.10 -44.11 -3.39
N ASP A 59 -7.61 -44.01 -2.15
CA ASP A 59 -8.30 -44.55 -1.00
C ASP A 59 -8.97 -43.45 -0.16
N SER A 61 -11.37 -44.23 2.21
CA SER A 61 -11.99 -44.87 3.37
C SER A 61 -11.71 -44.04 4.61
N ILE A 62 -12.71 -43.96 5.48
CA ILE A 62 -12.64 -43.19 6.72
C ILE A 62 -13.21 -43.96 7.92
N THR A 63 -12.47 -43.97 9.01
CA THR A 63 -13.01 -44.30 10.33
C THR A 63 -13.07 -43.01 11.13
N ALA A 64 -14.27 -42.68 11.61
CA ALA A 64 -14.47 -41.50 12.45
C ALA A 64 -15.45 -41.81 13.56
N ASN A 65 -15.01 -41.55 14.80
CA ASN A 65 -15.86 -41.62 15.98
C ASN A 65 -16.65 -42.95 16.08
N GLY A 66 -15.99 -44.07 15.79
CA GLY A 66 -16.56 -45.41 15.93
C GLY A 66 -17.33 -45.89 14.71
N LYS A 67 -17.33 -45.11 13.64
CA LYS A 67 -18.03 -45.48 12.42
C LYS A 67 -17.07 -45.62 11.26
N THR A 68 -17.38 -46.54 10.34
CA THR A 68 -16.50 -46.88 9.24
C THR A 68 -17.19 -46.57 7.93
N TYR A 69 -16.47 -45.95 7.00
CA TYR A 69 -17.08 -45.50 5.74
C TYR A 69 -16.23 -46.04 4.61
N ALA A 70 -16.86 -46.76 3.68
CA ALA A 70 -16.08 -47.45 2.64
C ALA A 70 -15.60 -46.45 1.60
N SER A 71 -14.39 -46.69 1.08
CA SER A 71 -13.77 -45.78 0.10
C SER A 71 -14.70 -45.40 -1.04
N ASP A 72 -15.31 -46.40 -1.70
CA ASP A 72 -16.24 -46.13 -2.81
C ASP A 72 -17.46 -45.30 -2.43
N ASP A 73 -17.99 -45.48 -1.21
CA ASP A 73 -19.15 -44.69 -0.80
C ASP A 73 -18.76 -43.22 -0.53
N VAL A 74 -17.58 -43.01 0.05
CA VAL A 74 -17.08 -41.64 0.30
C VAL A 74 -16.85 -40.92 -1.04
N LYS A 75 -16.20 -41.59 -1.99
CA LYS A 75 -15.99 -41.04 -3.34
C LYS A 75 -17.29 -40.64 -4.02
N ARG A 76 -18.29 -41.52 -4.00
CA ARG A 76 -19.59 -41.20 -4.57
C ARG A 76 -20.19 -40.01 -3.85
N ALA A 77 -20.13 -40.02 -2.52
CA ALA A 77 -20.75 -38.95 -1.73
C ALA A 77 -20.08 -37.57 -1.99
N ILE A 78 -18.76 -37.58 -2.06
CA ILE A 78 -18.01 -36.34 -2.29
C ILE A 78 -18.22 -35.81 -3.70
N GLU A 79 -18.08 -36.69 -4.68
CA GLU A 79 -18.29 -36.30 -6.09
C GLU A 79 -19.65 -35.62 -6.26
N LYS A 80 -20.70 -36.23 -5.71
CA LYS A 80 -22.04 -35.64 -5.75
C LYS A 80 -22.17 -34.37 -4.89
N GLY A 81 -21.57 -34.37 -3.71
CA GLY A 81 -21.58 -33.17 -2.88
C GLY A 81 -20.98 -31.97 -3.61
N THR A 82 -19.91 -32.20 -4.36
CA THR A 82 -19.28 -31.15 -5.17
C THR A 82 -20.24 -30.64 -6.26
N ASN A 83 -20.80 -31.57 -7.03
CA ASN A 83 -21.74 -31.22 -8.09
C ASN A 83 -23.00 -30.52 -7.57
N ASP A 84 -23.41 -30.83 -6.34
CA ASP A 84 -24.51 -30.09 -5.69
C ASP A 84 -24.15 -28.61 -5.42
N TYR A 85 -22.87 -28.32 -5.20
CA TYR A 85 -22.42 -26.93 -5.12
C TYR A 85 -22.29 -26.34 -6.54
N TYR A 86 -21.49 -26.96 -7.39
CA TYR A 86 -21.37 -26.55 -8.79
C TYR A 86 -20.94 -27.71 -9.66
N ASN A 87 -21.81 -28.09 -10.58
CA ASN A 87 -21.50 -29.18 -11.49
C ASN A 87 -20.80 -28.60 -12.70
N ASP A 88 -19.47 -28.64 -12.66
CA ASP A 88 -18.61 -27.97 -13.61
C ASP A 88 -18.46 -28.80 -14.89
N PRO A 89 -18.84 -28.22 -16.05
CA PRO A 89 -18.72 -28.96 -17.32
C PRO A 89 -17.29 -29.37 -17.67
N ASN A 90 -16.30 -28.65 -17.15
CA ASN A 90 -14.90 -28.98 -17.48
C ASN A 90 -14.34 -30.16 -16.71
N GLY A 91 -14.99 -30.52 -15.61
CA GLY A 91 -14.48 -31.62 -14.77
C GLY A 91 -14.98 -31.52 -13.35
N ASN A 92 -14.67 -32.54 -12.54
CA ASN A 92 -15.18 -32.60 -11.17
C ASN A 92 -14.04 -32.50 -10.17
N HIS A 93 -12.99 -33.30 -10.37
CA HIS A 93 -11.89 -33.34 -9.42
C HIS A 93 -10.61 -33.79 -10.08
N LEU A 94 -9.50 -33.48 -9.41
CA LEU A 94 -8.20 -34.03 -9.75
C LEU A 94 -8.06 -35.36 -9.03
N THR A 95 -7.37 -36.30 -9.68
CA THR A 95 -7.10 -37.62 -9.11
C THR A 95 -5.75 -37.60 -8.43
N GLU A 96 -5.48 -38.65 -7.66
CA GLU A 96 -4.21 -38.78 -6.95
C GLU A 96 -3.02 -38.90 -7.90
N SER A 97 -3.20 -39.58 -9.03
CA SER A 97 -2.13 -39.67 -10.04
C SER A 97 -1.82 -38.30 -10.65
N GLN A 98 -2.86 -37.55 -10.99
CA GLN A 98 -2.67 -36.21 -11.51
C GLN A 98 -1.99 -35.27 -10.49
N THR A 100 -0.02 -36.13 -7.92
CA THR A 100 1.34 -36.54 -7.67
C THR A 100 2.24 -36.09 -8.83
N ASP A 101 1.68 -36.15 -10.04
CA ASP A 101 2.41 -35.72 -11.23
C ASP A 101 2.60 -34.21 -11.20
N LEU A 102 1.51 -33.47 -10.94
CA LEU A 102 1.55 -32.02 -10.83
C LEU A 102 2.60 -31.56 -9.83
N ILE A 103 2.59 -32.15 -8.64
CA ILE A 103 3.57 -31.82 -7.60
C ILE A 103 5.02 -32.10 -8.06
N ASN A 104 5.24 -33.23 -8.71
CA ASN A 104 6.54 -33.56 -9.30
C ASN A 104 6.94 -32.60 -10.40
N TYR A 105 6.00 -32.26 -11.25
CA TYR A 105 6.22 -31.28 -12.29
C TYR A 105 6.72 -29.96 -11.67
N ALA A 106 5.96 -29.42 -10.73
CA ALA A 106 6.33 -28.17 -10.07
C ALA A 106 7.67 -28.27 -9.37
N LYS A 107 7.92 -29.39 -8.71
CA LYS A 107 9.16 -29.59 -7.95
C LYS A 107 10.40 -29.57 -8.87
N ASP A 108 10.26 -30.09 -10.08
CA ASP A 108 11.37 -30.11 -11.03
C ASP A 108 11.68 -28.69 -11.51
N LYS A 109 10.69 -27.81 -11.43
CA LYS A 109 10.85 -26.40 -11.76
C LYS A 109 11.17 -25.52 -10.55
N GLY A 110 11.50 -26.15 -9.42
CA GLY A 110 11.76 -25.43 -8.16
C GLY A 110 10.55 -24.71 -7.54
N ILE A 111 9.35 -25.21 -7.82
CA ILE A 111 8.11 -24.60 -7.34
C ILE A 111 7.41 -25.55 -6.35
N GLY A 112 7.09 -25.04 -5.16
CA GLY A 112 6.32 -25.81 -4.16
C GLY A 112 4.81 -25.73 -4.37
N LEU A 113 4.10 -26.65 -3.74
CA LEU A 113 2.66 -26.65 -3.82
C LEU A 113 2.07 -26.63 -2.40
N ILE A 114 1.10 -25.75 -2.20
CA ILE A 114 0.45 -25.57 -0.90
C ILE A 114 -1.05 -25.82 -1.08
N PRO A 115 -1.55 -26.97 -0.61
CA PRO A 115 -2.98 -27.24 -0.72
C PRO A 115 -3.77 -26.56 0.39
N THR A 116 -5.00 -26.23 0.08
CA THR A 116 -6.00 -25.89 1.09
C THR A 116 -7.18 -26.88 1.01
N VAL A 117 -7.57 -27.40 2.16
CA VAL A 117 -8.88 -28.02 2.37
C VAL A 117 -9.58 -27.25 3.52
N ASN A 118 -10.53 -26.42 3.14
CA ASN A 118 -11.15 -25.46 4.06
C ASN A 118 -12.11 -26.14 5.02
N SER A 119 -12.06 -25.68 6.27
CA SER A 119 -13.04 -25.99 7.31
C SER A 119 -12.77 -24.97 8.40
N PRO A 120 -13.74 -24.73 9.32
CA PRO A 120 -15.06 -25.38 9.44
C PRO A 120 -16.06 -24.80 8.47
N GLY A 121 -15.70 -23.72 7.76
CA GLY A 121 -16.57 -23.14 6.75
C GLY A 121 -16.13 -23.47 5.33
N HIS A 122 -16.80 -22.89 4.34
CA HIS A 122 -16.54 -23.17 2.93
C HIS A 122 -16.33 -24.66 2.66
N ASP A 124 -19.13 -26.93 1.75
CA ASP A 124 -20.44 -27.39 1.28
C ASP A 124 -20.40 -28.86 0.87
N ALA A 125 -19.41 -29.23 0.08
CA ALA A 125 -19.37 -30.54 -0.55
C ALA A 125 -19.20 -31.63 0.49
N ILE A 126 -18.31 -31.40 1.46
CA ILE A 126 -18.08 -32.34 2.55
C ILE A 126 -19.34 -32.46 3.40
N LEU A 127 -20.00 -31.34 3.67
CA LEU A 127 -21.26 -31.36 4.44
C LEU A 127 -22.33 -32.18 3.71
N ASN A 128 -22.44 -31.99 2.40
CA ASN A 128 -23.39 -32.74 1.57
C ASN A 128 -23.08 -34.24 1.63
N ALA A 129 -21.80 -34.55 1.44
CA ALA A 129 -21.31 -35.93 1.49
C ALA A 129 -21.63 -36.58 2.83
N LYS A 131 -24.04 -35.93 4.89
CA LYS A 131 -25.46 -36.23 4.93
C LYS A 131 -25.76 -37.52 4.17
N GLU A 132 -25.21 -37.65 2.98
CA GLU A 132 -25.44 -38.84 2.16
C GLU A 132 -24.93 -40.10 2.88
N LEU A 133 -23.90 -39.92 3.70
CA LEU A 133 -23.29 -41.01 4.43
C LEU A 133 -23.96 -41.25 5.79
N GLY A 134 -25.05 -40.55 6.06
CA GLY A 134 -25.90 -40.83 7.21
C GLY A 134 -25.56 -40.10 8.51
N ILE A 135 -24.71 -39.06 8.42
CA ILE A 135 -24.44 -38.25 9.59
C ILE A 135 -25.55 -37.23 9.69
N GLN A 136 -26.22 -37.20 10.83
CA GLN A 136 -27.40 -36.36 11.00
C GLN A 136 -27.02 -34.94 11.47
N ASN A 137 -27.62 -33.95 10.82
CA ASN A 137 -27.44 -32.52 11.17
C ASN A 137 -25.97 -32.08 11.20
N PRO A 138 -25.20 -32.38 10.14
CA PRO A 138 -23.78 -31.99 10.21
C PRO A 138 -23.59 -30.46 10.17
N ASN A 139 -24.48 -29.75 9.47
CA ASN A 139 -24.43 -28.29 9.27
C ASN A 139 -24.85 -27.53 10.52
N PHE A 140 -24.14 -26.43 10.80
CA PHE A 140 -24.54 -25.52 11.86
C PHE A 140 -25.84 -24.80 11.47
N SER A 141 -26.71 -24.65 12.46
CA SER A 141 -27.94 -23.88 12.28
C SER A 141 -28.06 -22.81 13.35
N TYR A 142 -28.52 -21.64 12.95
CA TYR A 142 -28.57 -20.51 13.85
C TYR A 142 -30.03 -20.07 13.99
N PHE A 143 -30.62 -20.37 15.14
CA PHE A 143 -32.07 -20.15 15.39
C PHE A 143 -32.92 -20.55 14.17
N GLY A 144 -32.75 -21.79 13.71
CA GLY A 144 -33.53 -22.32 12.58
C GLY A 144 -32.97 -22.07 11.18
N LYS A 145 -32.00 -21.17 11.05
CA LYS A 145 -31.40 -20.94 9.74
C LYS A 145 -30.13 -21.79 9.58
N LYS A 146 -30.14 -22.65 8.58
CA LYS A 146 -29.10 -23.64 8.40
C LYS A 146 -27.99 -23.10 7.50
N SER A 147 -26.73 -23.25 7.93
CA SER A 147 -25.61 -22.89 7.06
C SER A 147 -25.45 -23.92 5.95
N ALA A 148 -25.22 -23.48 4.74
CA ALA A 148 -24.89 -24.38 3.65
C ALA A 148 -23.39 -24.74 3.63
N ARG A 149 -22.56 -24.01 4.37
CA ARG A 149 -21.12 -24.07 4.18
C ARG A 149 -20.35 -24.49 5.42
N THR A 150 -21.01 -24.47 6.59
CA THR A 150 -20.28 -24.62 7.84
C THR A 150 -20.72 -25.81 8.70
N VAL A 151 -19.74 -26.54 9.25
CA VAL A 151 -20.02 -27.66 10.16
C VAL A 151 -20.30 -27.17 11.59
N ASP A 152 -21.22 -27.85 12.26
CA ASP A 152 -21.54 -27.56 13.66
C ASP A 152 -20.48 -28.17 14.57
N LEU A 153 -19.75 -27.32 15.29
CA LEU A 153 -18.69 -27.78 16.17
C LEU A 153 -19.21 -28.61 17.35
N ASP A 154 -20.51 -28.54 17.62
CA ASP A 154 -21.15 -29.35 18.66
C ASP A 154 -21.58 -30.75 18.17
N ASN A 155 -21.51 -31.00 16.87
CA ASN A 155 -21.81 -32.32 16.33
C ASN A 155 -20.54 -33.14 16.26
N GLU A 156 -20.33 -33.95 17.29
CA GLU A 156 -19.11 -34.70 17.48
C GLU A 156 -18.77 -35.58 16.25
N GLN A 157 -19.78 -36.27 15.72
CA GLN A 157 -19.59 -37.17 14.59
C GLN A 157 -19.13 -36.44 13.32
N ALA A 158 -19.77 -35.30 13.04
CA ALA A 158 -19.43 -34.49 11.87
C ALA A 158 -18.03 -33.86 12.00
N VAL A 159 -17.70 -33.34 13.18
CA VAL A 159 -16.35 -32.87 13.51
C VAL A 159 -15.30 -34.00 13.39
N ALA A 160 -15.66 -35.20 13.86
CA ALA A 160 -14.71 -36.32 13.80
C ALA A 160 -14.46 -36.75 12.37
N PHE A 161 -15.51 -36.76 11.54
CA PHE A 161 -15.39 -37.07 10.13
C PHE A 161 -14.50 -36.02 9.39
N THR A 162 -14.76 -34.74 9.63
CA THR A 162 -13.96 -33.66 9.01
C THR A 162 -12.49 -33.79 9.34
N LYS A 163 -12.18 -33.98 10.62
CA LYS A 163 -10.81 -34.16 11.06
C LYS A 163 -10.14 -35.38 10.43
N ALA A 164 -10.89 -36.49 10.33
CA ALA A 164 -10.37 -37.71 9.74
C ALA A 164 -10.08 -37.51 8.26
N LEU A 165 -10.89 -36.71 7.60
CA LEU A 165 -10.69 -36.42 6.19
C LEU A 165 -9.42 -35.55 6.00
N ILE A 166 -9.27 -34.51 6.83
CA ILE A 166 -8.07 -33.67 6.81
C ILE A 166 -6.81 -34.49 7.06
N ASP A 167 -6.89 -35.38 8.05
CA ASP A 167 -5.77 -36.24 8.36
C ASP A 167 -5.37 -37.12 7.17
N LYS A 168 -6.36 -37.61 6.43
CA LYS A 168 -6.09 -38.41 5.22
C LYS A 168 -5.41 -37.55 4.14
N TYR A 169 -5.90 -36.34 3.91
CA TYR A 169 -5.22 -35.46 2.95
C TYR A 169 -3.82 -35.14 3.43
N ALA A 170 -3.68 -34.86 4.71
CA ALA A 170 -2.37 -34.53 5.26
C ALA A 170 -1.36 -35.68 5.11
N ALA A 171 -1.86 -36.91 5.21
CA ALA A 171 -1.03 -38.10 5.04
C ALA A 171 -0.51 -38.19 3.61
N TYR A 172 -1.36 -37.89 2.64
CA TYR A 172 -0.95 -37.88 1.26
C TYR A 172 0.11 -36.78 1.00
N PHE A 173 -0.14 -35.57 1.54
CA PHE A 173 0.70 -34.39 1.23
C PHE A 173 2.04 -34.40 1.97
N ALA A 174 2.12 -35.23 3.02
CA ALA A 174 3.33 -35.40 3.80
C ALA A 174 4.51 -35.69 2.88
N LYS A 175 5.67 -35.13 3.19
CA LYS A 175 6.91 -35.25 2.38
C LYS A 175 6.88 -34.61 0.98
N LYS A 176 5.73 -34.56 0.33
CA LYS A 176 5.60 -33.95 -1.00
C LYS A 176 5.48 -32.42 -0.95
N THR A 177 5.12 -31.89 0.21
CA THR A 177 4.82 -30.46 0.38
C THR A 177 5.37 -30.04 1.73
N GLU A 178 5.23 -28.75 2.04
CA GLU A 178 5.82 -28.18 3.23
C GLU A 178 4.69 -27.62 4.11
N ILE A 179 3.69 -27.02 3.49
CA ILE A 179 2.68 -26.27 4.22
C ILE A 179 1.30 -26.80 3.85
N PHE A 180 0.40 -26.86 4.82
CA PHE A 180 -0.99 -27.27 4.54
C PHE A 180 -1.93 -26.22 5.13
N ASN A 181 -2.77 -25.63 4.28
CA ASN A 181 -3.68 -24.55 4.71
C ASN A 181 -5.01 -25.15 5.17
N ILE A 182 -5.30 -25.03 6.47
CA ILE A 182 -6.58 -25.52 7.02
C ILE A 182 -7.71 -24.50 6.89
N GLY A 183 -7.36 -23.27 6.46
CA GLY A 183 -8.34 -22.24 6.12
C GLY A 183 -8.88 -21.48 7.31
N LEU A 184 -9.84 -22.09 8.02
CA LEU A 184 -10.46 -21.50 9.21
C LEU A 184 -11.08 -20.13 8.97
N ASP A 185 -11.61 -19.89 7.77
CA ASP A 185 -11.87 -18.53 7.34
C ASP A 185 -13.29 -18.00 7.53
N GLU A 186 -14.19 -18.86 8.02
CA GLU A 186 -15.51 -18.40 8.42
C GLU A 186 -16.18 -19.34 9.41
N TYR A 187 -17.20 -18.84 10.09
CA TYR A 187 -18.11 -19.72 10.79
C TYR A 187 -19.55 -19.31 10.54
N ALA A 188 -20.16 -19.96 9.55
CA ALA A 188 -21.60 -19.81 9.26
C ALA A 188 -22.04 -18.38 8.97
N ASN A 189 -21.25 -17.67 8.15
CA ASN A 189 -21.61 -16.31 7.78
C ASN A 189 -22.94 -16.24 7.04
N ASP A 190 -23.25 -17.28 6.26
CA ASP A 190 -24.52 -17.32 5.53
C ASP A 190 -25.75 -17.53 6.42
N ALA A 191 -25.55 -17.92 7.69
CA ALA A 191 -26.67 -18.18 8.59
C ALA A 191 -26.78 -17.17 9.73
N THR A 192 -25.75 -16.34 9.89
CA THR A 192 -25.64 -15.42 11.01
C THR A 192 -25.52 -13.98 10.54
N ASP A 193 -25.94 -13.71 9.30
CA ASP A 193 -25.81 -12.39 8.68
C ASP A 193 -24.37 -11.88 8.72
N ALA A 194 -23.43 -12.77 8.38
CA ALA A 194 -22.00 -12.47 8.33
C ALA A 194 -21.37 -12.07 9.66
N LYS A 195 -21.95 -12.53 10.77
CA LYS A 195 -21.41 -12.24 12.11
C LYS A 195 -21.02 -13.51 12.88
N GLY A 196 -20.58 -14.53 12.15
CA GLY A 196 -20.27 -15.83 12.73
C GLY A 196 -19.32 -15.79 13.91
N TRP A 197 -18.23 -15.04 13.77
CA TRP A 197 -17.25 -14.94 14.86
C TRP A 197 -17.86 -14.33 16.12
N SER A 198 -18.70 -13.31 15.95
CA SER A 198 -19.36 -12.64 17.08
C SER A 198 -20.34 -13.59 17.74
N VAL A 199 -21.11 -14.29 16.91
CA VAL A 199 -21.99 -15.36 17.39
C VAL A 199 -21.23 -16.38 18.26
N LEU A 200 -20.05 -16.83 17.81
CA LEU A 200 -19.25 -17.77 18.61
C LEU A 200 -18.75 -17.18 19.92
N GLN A 201 -18.51 -15.87 19.95
CA GLN A 201 -18.03 -15.21 21.14
C GLN A 201 -19.15 -14.71 22.08
N ALA A 202 -20.38 -14.65 21.55
CA ALA A 202 -21.50 -13.97 22.23
C ALA A 202 -21.90 -14.52 23.60
N ASP A 203 -21.98 -15.85 23.73
CA ASP A 203 -22.50 -16.49 24.95
C ASP A 203 -21.68 -16.18 26.21
N LYS A 204 -20.40 -15.89 26.03
CA LYS A 204 -19.54 -15.49 27.15
C LYS A 204 -19.97 -14.14 27.73
N TYR A 205 -20.39 -13.23 26.86
CA TYR A 205 -20.70 -11.87 27.28
C TYR A 205 -22.22 -11.65 27.39
N TYR A 206 -22.99 -12.54 26.78
CA TYR A 206 -24.45 -12.44 26.82
C TYR A 206 -25.06 -13.81 27.11
N PRO A 207 -24.86 -14.33 28.34
CA PRO A 207 -25.32 -15.68 28.68
C PRO A 207 -26.85 -15.84 28.65
N ASN A 208 -27.31 -17.08 28.62
CA ASN A 208 -28.74 -17.47 28.56
C ASN A 208 -29.53 -16.70 27.50
N GLU A 209 -29.02 -16.67 26.27
CA GLU A 209 -29.77 -16.06 25.18
C GLU A 209 -29.86 -16.94 23.94
N GLY A 210 -29.40 -18.19 24.09
CA GLY A 210 -29.40 -19.14 22.97
C GLY A 210 -28.18 -19.12 22.07
N TYR A 211 -27.14 -18.36 22.43
CA TYR A 211 -25.86 -18.38 21.69
C TYR A 211 -25.06 -19.66 21.94
N PRO A 212 -24.30 -20.14 20.92
CA PRO A 212 -23.55 -21.40 21.07
C PRO A 212 -22.66 -21.40 22.30
N VAL A 213 -22.83 -22.42 23.14
CA VAL A 213 -22.14 -22.49 24.42
C VAL A 213 -20.67 -22.80 24.19
N LYS A 214 -19.80 -21.93 24.73
CA LYS A 214 -18.37 -22.10 24.57
C LYS A 214 -18.00 -22.17 23.07
N GLY A 215 -18.76 -21.47 22.22
CA GLY A 215 -18.59 -21.54 20.77
C GLY A 215 -17.17 -21.21 20.33
N TYR A 216 -16.66 -20.06 20.73
CA TYR A 216 -15.35 -19.61 20.25
C TYR A 216 -14.24 -20.44 20.89
N GLU A 217 -14.42 -20.78 22.16
CA GLU A 217 -13.51 -21.70 22.83
C GLU A 217 -13.38 -23.03 22.06
N LYS A 218 -14.50 -23.53 21.55
CA LYS A 218 -14.53 -24.76 20.77
C LYS A 218 -13.84 -24.56 19.42
N PHE A 219 -14.05 -23.42 18.79
CA PHE A 219 -13.32 -23.08 17.55
C PHE A 219 -11.81 -23.10 17.76
N ILE A 220 -11.36 -22.53 18.87
CA ILE A 220 -9.93 -22.52 19.18
C ILE A 220 -9.39 -23.94 19.32
N ALA A 221 -10.11 -24.78 20.07
CA ALA A 221 -9.71 -26.17 20.24
C ALA A 221 -9.69 -26.90 18.90
N TYR A 222 -10.68 -26.60 18.06
CA TYR A 222 -10.77 -27.18 16.73
C TYR A 222 -9.54 -26.78 15.85
N ALA A 223 -9.25 -25.47 15.83
CA ALA A 223 -8.09 -24.94 15.11
C ALA A 223 -6.81 -25.64 15.58
N ASN A 224 -6.66 -25.75 16.91
CA ASN A 224 -5.47 -26.30 17.50
C ASN A 224 -5.31 -27.80 17.21
N ASP A 225 -6.42 -28.51 17.17
CA ASP A 225 -6.38 -29.94 16.87
C ASP A 225 -6.06 -30.17 15.39
N LEU A 226 -6.63 -29.37 14.50
CA LEU A 226 -6.23 -29.45 13.09
C LEU A 226 -4.73 -29.13 12.93
N ALA A 227 -4.23 -28.15 13.68
CA ALA A 227 -2.79 -27.82 13.63
C ALA A 227 -1.94 -29.01 14.11
N ARG A 228 -2.41 -29.69 15.16
CA ARG A 228 -1.74 -30.86 15.71
C ARG A 228 -1.71 -31.97 14.67
N ILE A 229 -2.84 -32.20 14.02
CA ILE A 229 -2.96 -33.19 12.96
C ILE A 229 -1.99 -32.90 11.79
N VAL A 230 -2.01 -31.66 11.29
CA VAL A 230 -1.09 -31.24 10.22
C VAL A 230 0.37 -31.45 10.64
N LYS A 231 0.72 -31.01 11.84
CA LYS A 231 2.10 -31.20 12.30
C LYS A 231 2.53 -32.66 12.51
N SER A 232 1.60 -33.54 12.88
CA SER A 232 1.90 -34.97 13.10
C SER A 232 2.36 -35.60 11.78
N HIS A 233 2.05 -34.94 10.67
CA HIS A 233 2.53 -35.40 9.39
C HIS A 233 3.76 -34.63 8.86
N GLY A 234 4.45 -33.93 9.74
CA GLY A 234 5.66 -33.13 9.40
C GLY A 234 5.40 -31.87 8.58
N LEU A 235 4.15 -31.40 8.56
CA LEU A 235 3.74 -30.26 7.72
C LEU A 235 3.47 -29.03 8.58
N LYS A 236 3.58 -27.84 7.99
CA LYS A 236 3.28 -26.58 8.70
C LYS A 236 1.85 -26.15 8.44
N PRO A 237 1.08 -25.90 9.51
CA PRO A 237 -0.30 -25.48 9.30
C PRO A 237 -0.39 -23.99 8.93
N ALA A 239 -3.45 -20.79 8.06
CA ALA A 239 -4.87 -20.42 8.06
C ALA A 239 -5.03 -18.99 7.63
N PHE A 240 -6.22 -18.64 7.13
CA PHE A 240 -6.55 -17.21 6.90
C PHE A 240 -6.77 -16.49 8.25
N ASN A 241 -6.65 -15.16 8.26
CA ASN A 241 -6.58 -14.39 9.52
C ASN A 241 -7.90 -14.17 10.24
N ASP A 242 -9.00 -14.22 9.50
CA ASP A 242 -10.34 -13.82 9.96
C ASP A 242 -10.67 -14.12 11.40
N GLY A 243 -10.54 -15.39 11.77
CA GLY A 243 -11.02 -15.85 13.07
C GLY A 243 -9.97 -15.97 14.13
N ILE A 244 -8.73 -15.57 13.84
CA ILE A 244 -7.66 -15.72 14.81
C ILE A 244 -7.69 -14.49 15.71
N TYR A 245 -7.97 -14.71 16.99
CA TYR A 245 -8.24 -13.62 17.93
C TYR A 245 -9.18 -12.56 17.36
N TYR A 246 -10.32 -12.98 16.83
CA TYR A 246 -11.33 -12.04 16.35
C TYR A 246 -11.67 -11.02 17.43
N ASN A 247 -11.92 -9.77 17.02
CA ASN A 247 -12.15 -8.65 17.96
C ASN A 247 -10.97 -8.46 18.91
N SER A 248 -9.79 -8.95 18.52
CA SER A 248 -8.57 -8.90 19.34
C SER A 248 -8.79 -9.54 20.71
N ASP A 249 -9.71 -10.48 20.79
CA ASP A 249 -10.07 -11.05 22.07
C ASP A 249 -9.21 -12.26 22.35
N THR A 250 -8.30 -12.11 23.31
CA THR A 250 -7.40 -13.18 23.73
C THR A 250 -7.89 -13.93 24.96
N SER A 251 -9.11 -13.65 25.41
CA SER A 251 -9.59 -14.17 26.72
C SER A 251 -10.24 -15.56 26.64
N PHE A 252 -10.42 -16.09 25.43
CA PHE A 252 -11.04 -17.42 25.27
C PHE A 252 -10.01 -18.54 25.26
N GLY A 253 -8.74 -18.18 25.15
CA GLY A 253 -7.68 -19.17 24.96
C GLY A 253 -6.70 -18.75 23.88
N SER A 254 -5.74 -19.62 23.59
CA SER A 254 -4.66 -19.32 22.67
C SER A 254 -4.61 -20.25 21.49
N PHE A 255 -4.39 -19.66 20.32
CA PHE A 255 -4.13 -20.39 19.09
C PHE A 255 -2.70 -20.90 19.05
N ASP A 256 -2.53 -22.11 18.52
CA ASP A 256 -1.19 -22.69 18.35
C ASP A 256 -0.34 -21.70 17.51
N LYS A 257 0.75 -21.20 18.07
CA LYS A 257 1.49 -20.16 17.34
C LYS A 257 2.27 -20.66 16.11
N ASP A 258 2.33 -21.99 15.92
CA ASP A 258 2.90 -22.55 14.69
C ASP A 258 1.96 -22.41 13.51
N ILE A 259 0.73 -21.93 13.75
CA ILE A 259 -0.18 -21.65 12.64
C ILE A 259 0.31 -20.38 11.91
N ILE A 260 0.69 -20.54 10.64
CA ILE A 260 1.12 -19.44 9.78
C ILE A 260 -0.15 -18.72 9.39
N VAL A 261 -0.17 -17.38 9.52
CA VAL A 261 -1.36 -16.64 9.16
C VAL A 261 -1.25 -16.00 7.78
N SER A 262 -2.20 -16.38 6.91
CA SER A 262 -2.41 -15.71 5.64
C SER A 262 -3.27 -14.47 5.87
N TRP A 264 -5.13 -11.62 4.73
CA TRP A 264 -5.78 -11.18 3.51
C TRP A 264 -6.64 -9.93 3.75
N THR A 265 -7.18 -9.79 4.95
CA THR A 265 -8.07 -8.67 5.21
C THR A 265 -7.72 -7.91 6.46
N GLY A 266 -7.90 -6.58 6.41
CA GLY A 266 -7.80 -5.74 7.59
C GLY A 266 -9.16 -5.46 8.20
N GLY A 267 -10.19 -6.16 7.70
CA GLY A 267 -11.54 -5.99 8.21
C GLY A 267 -12.25 -4.75 7.68
N TRP A 268 -13.38 -4.43 8.28
CA TRP A 268 -14.22 -3.32 7.86
C TRP A 268 -15.30 -3.12 8.92
N GLY A 269 -16.23 -2.20 8.65
CA GLY A 269 -17.27 -1.80 9.63
C GLY A 269 -18.11 -2.99 10.08
N GLY A 270 -18.04 -3.35 11.34
CA GLY A 270 -18.75 -4.55 11.80
C GLY A 270 -18.04 -5.90 11.56
N TYR A 271 -16.83 -5.87 11.00
CA TYR A 271 -16.02 -7.07 10.88
C TYR A 271 -14.64 -6.78 11.44
N ASP A 272 -14.49 -7.01 12.75
CA ASP A 272 -13.38 -6.50 13.53
C ASP A 272 -12.26 -7.52 13.78
N VAL A 273 -11.43 -7.76 12.77
CA VAL A 273 -10.36 -8.75 12.86
C VAL A 273 -9.23 -8.23 13.71
N ALA A 274 -8.43 -9.15 14.26
CA ALA A 274 -7.20 -8.77 14.95
C ALA A 274 -6.23 -8.08 13.96
N SER A 275 -5.44 -7.15 14.48
CA SER A 275 -4.41 -6.50 13.68
C SER A 275 -3.30 -7.49 13.39
N SER A 276 -2.58 -7.29 12.29
CA SER A 276 -1.38 -8.09 12.03
C SER A 276 -0.37 -7.87 13.14
N LYS A 277 -0.41 -6.67 13.73
CA LYS A 277 0.46 -6.34 14.86
C LYS A 277 0.25 -7.31 16.02
N LEU A 278 -1.00 -7.47 16.45
CA LEU A 278 -1.32 -8.45 17.48
C LEU A 278 -0.88 -9.88 17.11
N LEU A 279 -1.18 -10.31 15.89
CA LEU A 279 -0.86 -11.68 15.46
C LEU A 279 0.64 -11.95 15.45
N ALA A 280 1.42 -10.97 14.99
CA ALA A 280 2.88 -11.05 15.00
C ALA A 280 3.42 -11.06 16.44
N GLU A 281 2.91 -10.21 17.31
CA GLU A 281 3.35 -10.18 18.72
C GLU A 281 3.09 -11.52 19.41
N LYS A 282 1.95 -12.15 19.11
CA LYS A 282 1.63 -13.50 19.62
C LYS A 282 2.56 -14.56 19.05
N GLY A 283 3.26 -14.25 17.97
CA GLY A 283 4.28 -15.16 17.44
C GLY A 283 3.93 -15.91 16.18
N HIS A 284 2.81 -15.57 15.54
CA HIS A 284 2.44 -16.13 14.25
C HIS A 284 3.29 -15.53 13.13
N GLN A 285 3.81 -16.40 12.26
CA GLN A 285 4.42 -15.93 11.03
C GLN A 285 3.32 -15.39 10.12
N ILE A 286 3.64 -14.33 9.38
CA ILE A 286 2.66 -13.65 8.57
C ILE A 286 3.00 -13.80 7.08
N LEU A 287 2.05 -14.37 6.33
CA LEU A 287 2.12 -14.39 4.89
C LEU A 287 1.20 -13.27 4.40
N ASN A 288 1.79 -12.24 3.78
CA ASN A 288 1.01 -11.11 3.31
C ASN A 288 0.21 -11.51 2.10
N THR A 289 -1.11 -11.47 2.26
CA THR A 289 -2.05 -11.92 1.23
C THR A 289 -3.04 -10.78 0.94
N ASN A 290 -2.53 -9.55 1.04
CA ASN A 290 -3.36 -8.34 0.95
C ASN A 290 -4.43 -8.43 -0.15
N ASP A 291 -5.70 -8.24 0.19
CA ASP A 291 -6.77 -8.30 -0.83
C ASP A 291 -6.76 -7.10 -1.82
N ALA A 292 -5.88 -6.13 -1.59
CA ALA A 292 -5.62 -5.10 -2.60
C ALA A 292 -5.27 -5.77 -3.94
N TRP A 293 -4.58 -6.92 -3.87
CA TRP A 293 -4.07 -7.61 -5.07
C TRP A 293 -5.06 -8.59 -5.68
N CYS A 294 -6.15 -8.83 -4.98
CA CYS A 294 -6.95 -9.99 -5.26
C CYS A 294 -7.90 -9.83 -6.48
N TYR A 295 -8.25 -10.95 -7.09
CA TYR A 295 -8.92 -10.97 -8.37
C TYR A 295 -9.97 -12.09 -8.46
N VAL A 296 -11.20 -11.74 -8.82
CA VAL A 296 -12.27 -12.73 -9.02
C VAL A 296 -12.49 -12.97 -10.52
N LEU A 297 -12.27 -14.22 -10.92
CA LEU A 297 -12.49 -14.67 -12.30
C LEU A 297 -13.77 -14.16 -12.91
N GLY A 298 -13.69 -13.66 -14.14
CA GLY A 298 -14.85 -13.13 -14.84
C GLY A 298 -15.08 -11.64 -14.65
N ARG A 299 -14.59 -11.09 -13.53
CA ARG A 299 -14.68 -9.65 -13.28
C ARG A 299 -13.37 -9.06 -13.82
N ASN A 300 -13.42 -8.70 -15.10
CA ASN A 300 -12.19 -8.55 -15.89
C ASN A 300 -11.75 -7.11 -16.15
N ALA A 301 -12.55 -6.15 -15.69
CA ALA A 301 -12.27 -4.74 -15.96
C ALA A 301 -13.08 -3.88 -15.02
N ASP A 302 -12.63 -2.64 -14.86
CA ASP A 302 -13.37 -1.68 -14.07
C ASP A 302 -14.85 -1.72 -14.45
N GLY A 303 -15.72 -1.63 -13.45
CA GLY A 303 -17.17 -1.67 -13.67
C GLY A 303 -17.84 -3.03 -13.49
N GLN A 304 -17.05 -4.09 -13.37
CA GLN A 304 -17.61 -5.45 -13.27
C GLN A 304 -17.70 -6.01 -11.84
N GLY A 305 -17.52 -5.13 -10.84
CA GLY A 305 -17.73 -5.50 -9.44
C GLY A 305 -16.44 -5.55 -8.65
N TRP A 306 -16.56 -5.81 -7.35
CA TRP A 306 -15.42 -5.81 -6.45
C TRP A 306 -14.39 -6.87 -6.85
N TYR A 307 -13.12 -6.51 -6.70
CA TYR A 307 -11.99 -7.38 -7.05
C TYR A 307 -11.91 -7.66 -8.53
N ASN A 308 -12.33 -6.72 -9.36
CA ASN A 308 -12.11 -6.88 -10.78
C ASN A 308 -10.63 -6.72 -11.09
N LEU A 309 -10.22 -7.17 -12.28
CA LEU A 309 -8.83 -7.21 -12.65
C LEU A 309 -8.11 -5.85 -12.58
N ASP A 310 -8.77 -4.78 -13.04
CA ASP A 310 -8.18 -3.44 -12.98
C ASP A 310 -7.97 -2.97 -11.54
N GLN A 311 -8.93 -3.30 -10.68
CA GLN A 311 -8.81 -3.03 -9.25
C GLN A 311 -7.57 -3.76 -8.67
N GLY A 312 -7.40 -5.03 -9.00
CA GLY A 312 -6.25 -5.80 -8.54
C GLY A 312 -4.92 -5.22 -9.04
N LEU A 313 -4.89 -4.85 -10.32
CA LEU A 313 -3.71 -4.22 -10.88
C LEU A 313 -3.36 -2.88 -10.20
N ASN A 314 -4.37 -2.08 -9.89
CA ASN A 314 -4.18 -0.82 -9.20
C ASN A 314 -3.70 -1.08 -7.77
N GLY A 315 -4.24 -2.13 -7.16
CA GLY A 315 -3.83 -2.52 -5.81
C GLY A 315 -2.37 -2.92 -5.78
N ILE A 316 -1.94 -3.63 -6.82
CA ILE A 316 -0.57 -4.08 -6.92
C ILE A 316 0.38 -2.88 -7.07
N LYS A 317 -0.02 -1.91 -7.88
CA LYS A 317 0.73 -0.65 -8.02
C LYS A 317 0.82 0.10 -6.67
N ASN A 318 -0.29 0.21 -5.97
CA ASN A 318 -0.36 1.03 -4.76
C ASN A 318 0.00 0.35 -3.43
N THR A 319 0.21 -0.97 -3.45
CA THR A 319 0.41 -1.73 -2.21
C THR A 319 1.55 -2.73 -2.39
N PRO A 320 2.79 -2.37 -1.99
CA PRO A 320 3.93 -3.25 -2.12
C PRO A 320 3.79 -4.53 -1.30
N ILE A 321 4.60 -5.53 -1.65
CA ILE A 321 4.57 -6.84 -1.02
C ILE A 321 4.74 -6.78 0.51
N THR A 322 5.40 -5.73 0.99
CA THR A 322 5.68 -5.53 2.40
C THR A 322 4.55 -4.80 3.13
N SER A 323 3.54 -4.37 2.41
CA SER A 323 2.42 -3.63 3.03
C SER A 323 1.27 -4.56 3.45
N VAL A 324 1.16 -4.78 4.77
CA VAL A 324 0.31 -5.81 5.35
C VAL A 324 -0.98 -5.18 5.88
N PRO A 325 -2.14 -5.89 5.76
CA PRO A 325 -3.36 -5.32 6.34
C PRO A 325 -3.25 -5.05 7.84
N LYS A 326 -3.88 -3.95 8.25
CA LYS A 326 -4.07 -3.56 9.64
C LYS A 326 -2.83 -3.70 10.52
N THR A 327 -1.82 -2.87 10.25
CA THR A 327 -0.58 -2.94 11.00
C THR A 327 -0.66 -2.13 12.31
N GLU A 328 -1.66 -1.26 12.44
CA GLU A 328 -1.71 -0.31 13.57
C GLU A 328 -0.40 0.46 13.72
N GLY A 329 0.23 0.78 12.59
CA GLY A 329 1.45 1.57 12.58
C GLY A 329 2.73 0.83 12.88
N ALA A 330 2.66 -0.48 13.15
CA ALA A 330 3.89 -1.26 13.41
C ALA A 330 4.57 -1.78 12.14
N ASP A 331 5.84 -2.16 12.26
CA ASP A 331 6.61 -2.74 11.15
C ASP A 331 6.43 -4.29 11.25
N ILE A 332 5.64 -4.84 10.34
CA ILE A 332 5.25 -6.26 10.43
C ILE A 332 6.19 -7.11 9.59
N PRO A 333 6.96 -8.01 10.22
CA PRO A 333 7.80 -8.89 9.43
C PRO A 333 6.94 -9.94 8.70
N ILE A 334 7.32 -10.29 7.48
CA ILE A 334 6.57 -11.22 6.63
C ILE A 334 7.46 -12.39 6.16
N ILE A 335 6.84 -13.54 5.93
CA ILE A 335 7.56 -14.66 5.33
C ILE A 335 7.43 -14.62 3.82
N GLY A 336 6.55 -13.74 3.33
CA GLY A 336 6.31 -13.66 1.90
C GLY A 336 5.01 -12.95 1.57
N GLY A 337 4.64 -13.02 0.31
CA GLY A 337 3.42 -12.40 -0.16
C GLY A 337 2.71 -13.31 -1.13
N VAL A 339 -0.52 -13.39 -4.05
CA VAL A 339 -1.58 -12.84 -4.88
C VAL A 339 -2.60 -13.96 -5.21
N ALA A 340 -3.89 -13.64 -5.09
CA ALA A 340 -4.94 -14.65 -5.09
C ALA A 340 -5.94 -14.43 -6.20
N ALA A 341 -6.24 -15.48 -6.94
CA ALA A 341 -7.34 -15.50 -7.91
C ALA A 341 -8.44 -16.40 -7.34
N TRP A 342 -9.68 -15.90 -7.33
CA TRP A 342 -10.82 -16.60 -6.75
C TRP A 342 -11.88 -16.87 -7.80
N ALA A 343 -12.73 -17.86 -7.51
CA ALA A 343 -13.75 -18.29 -8.46
C ALA A 343 -15.16 -18.20 -7.86
N ASP A 344 -15.44 -17.09 -7.16
CA ASP A 344 -16.74 -16.87 -6.50
C ASP A 344 -17.95 -17.24 -7.36
N THR A 345 -17.87 -16.94 -8.66
CA THR A 345 -18.87 -17.34 -9.62
C THR A 345 -18.16 -18.37 -10.47
N PRO A 346 -18.26 -19.65 -10.09
CA PRO A 346 -17.38 -20.67 -10.71
C PRO A 346 -17.67 -20.95 -12.18
N SER A 347 -18.84 -20.56 -12.65
CA SER A 347 -19.16 -20.69 -14.07
C SER A 347 -18.47 -19.63 -14.94
N ALA A 348 -17.87 -18.61 -14.33
CA ALA A 348 -17.11 -17.61 -15.11
C ALA A 348 -15.98 -18.29 -15.88
N ARG A 349 -15.68 -17.78 -17.08
CA ARG A 349 -14.63 -18.36 -17.89
C ARG A 349 -13.26 -18.05 -17.30
N TYR A 350 -12.42 -19.07 -17.14
CA TYR A 350 -11.04 -18.83 -16.73
C TYR A 350 -10.25 -18.33 -17.92
N SER A 351 -9.62 -17.16 -17.77
CA SER A 351 -8.76 -16.60 -18.82
C SER A 351 -7.30 -16.59 -18.39
N PRO A 352 -6.48 -17.50 -18.93
CA PRO A 352 -5.06 -17.55 -18.56
C PRO A 352 -4.35 -16.20 -18.71
N SER A 353 -4.60 -15.48 -19.79
CA SER A 353 -3.89 -14.22 -20.05
C SER A 353 -4.20 -13.14 -19.00
N HIS A 354 -5.44 -13.10 -18.52
CA HIS A 354 -5.80 -12.18 -17.44
C HIS A 354 -5.06 -12.53 -16.15
N LEU A 355 -5.06 -13.81 -15.79
CA LEU A 355 -4.32 -14.25 -14.62
C LEU A 355 -2.82 -13.92 -14.71
N PHE A 356 -2.21 -14.20 -15.87
CA PHE A 356 -0.78 -14.01 -16.02
C PHE A 356 -0.39 -12.55 -15.97
N LYS A 357 -1.27 -11.69 -16.48
CA LYS A 357 -1.11 -10.24 -16.38
C LYS A 357 -1.03 -9.83 -14.91
N LEU A 358 -1.97 -10.33 -14.10
CA LEU A 358 -1.97 -10.06 -12.66
C LEU A 358 -0.67 -10.55 -12.02
N ARG A 360 2.27 -11.14 -13.43
CA ARG A 360 3.44 -10.45 -13.99
CA ARG A 360 3.43 -10.44 -13.99
C ARG A 360 3.58 -9.07 -13.33
N HIS A 361 2.45 -8.39 -13.16
CA HIS A 361 2.44 -7.07 -12.51
C HIS A 361 2.90 -7.14 -11.05
N PHE A 362 2.50 -8.20 -10.34
CA PHE A 362 2.89 -8.39 -8.95
C PHE A 362 4.40 -8.59 -8.87
N ALA A 363 4.90 -9.42 -9.79
CA ALA A 363 6.34 -9.66 -9.90
C ALA A 363 7.11 -8.37 -10.24
N ASN A 364 6.60 -7.60 -11.19
CA ASN A 364 7.27 -6.38 -11.65
C ASN A 364 7.30 -5.29 -10.57
N ALA A 365 6.20 -5.16 -9.84
CA ALA A 365 6.04 -4.14 -8.81
C ALA A 365 6.91 -4.41 -7.61
N ASN A 366 7.40 -5.65 -7.49
CA ASN A 366 8.20 -6.05 -6.33
C ASN A 366 9.44 -6.81 -6.78
N ALA A 367 10.07 -6.30 -7.85
CA ALA A 367 11.07 -7.05 -8.59
C ALA A 367 12.28 -7.52 -7.78
N GLU A 368 12.65 -6.77 -6.75
CA GLU A 368 13.76 -7.17 -5.89
C GLU A 368 13.49 -8.41 -5.04
N TYR A 369 12.21 -8.77 -4.89
CA TYR A 369 11.81 -9.98 -4.14
C TYR A 369 11.74 -11.24 -5.01
N PHE A 370 11.45 -11.06 -6.29
CA PHE A 370 11.19 -12.19 -7.18
C PHE A 370 12.47 -12.66 -7.82
N ALA A 371 12.57 -13.98 -8.09
CA ALA A 371 13.80 -14.53 -8.70
C ALA A 371 13.92 -14.14 -10.17
N ALA A 372 15.15 -13.97 -10.63
CA ALA A 372 15.41 -13.76 -12.05
C ALA A 372 15.12 -15.05 -12.82
N ASP A 373 15.01 -14.95 -14.15
CA ASP A 373 14.79 -16.10 -15.01
C ASP A 373 16.10 -16.54 -15.71
N TYR A 374 16.58 -17.73 -15.37
CA TYR A 374 17.81 -18.27 -15.93
C TYR A 374 17.60 -19.26 -17.07
N GLU A 375 16.35 -19.50 -17.46
CA GLU A 375 16.03 -20.57 -18.40
C GLU A 375 16.56 -20.30 -19.80
N SER A 376 16.43 -19.07 -20.28
CA SER A 376 16.98 -18.71 -21.58
C SER A 376 18.52 -18.79 -21.61
N ALA A 377 19.16 -18.53 -20.48
CA ALA A 377 20.61 -18.66 -20.34
C ALA A 377 21.05 -20.11 -20.50
N GLU A 378 20.34 -21.01 -19.82
CA GLU A 378 20.59 -22.45 -19.93
C GLU A 378 20.37 -22.92 -21.35
N GLN A 379 19.29 -22.46 -21.97
CA GLN A 379 19.00 -22.74 -23.36
C GLN A 379 20.09 -22.21 -24.32
N ALA A 380 20.60 -21.01 -24.05
CA ALA A 380 21.65 -20.42 -24.87
C ALA A 380 22.91 -21.31 -24.87
N LEU A 381 23.32 -21.77 -23.69
CA LEU A 381 24.47 -22.69 -23.55
C LEU A 381 24.32 -24.01 -24.31
N ASN A 382 23.13 -24.61 -24.24
CA ASN A 382 22.86 -25.87 -24.94
C ASN A 382 22.82 -25.70 -26.45
N GLU A 383 22.70 -24.45 -26.90
CA GLU A 383 22.57 -24.18 -28.32
C GLU A 383 23.86 -23.79 -29.05
N VAL A 384 24.95 -23.67 -28.30
CA VAL A 384 26.27 -23.39 -28.87
C VAL A 384 26.69 -24.57 -29.77
N PRO A 385 27.12 -24.30 -31.02
CA PRO A 385 27.52 -25.41 -31.91
C PRO A 385 28.52 -26.37 -31.26
N LYS A 386 28.45 -27.64 -31.63
CA LYS A 386 29.28 -28.70 -31.03
C LYS A 386 30.64 -28.88 -31.72
N ASP A 387 30.68 -28.55 -33.01
CA ASP A 387 31.80 -28.84 -33.90
C ASP A 387 32.78 -27.66 -33.97
N LEU A 388 33.25 -27.20 -32.82
CA LEU A 388 34.00 -25.95 -32.79
C LEU A 388 35.38 -26.01 -33.45
N ASN A 389 35.85 -27.21 -33.77
CA ASN A 389 37.12 -27.41 -34.47
C ASN A 389 37.13 -26.85 -35.90
N ARG A 390 35.94 -26.62 -36.44
CA ARG A 390 35.80 -26.00 -37.76
C ARG A 390 36.11 -24.50 -37.76
N TYR A 391 36.25 -23.92 -36.57
CA TYR A 391 36.33 -22.45 -36.48
C TYR A 391 37.67 -21.90 -36.02
N THR A 392 37.91 -20.68 -36.46
CA THR A 392 39.05 -19.87 -36.09
C THR A 392 39.34 -19.91 -34.58
N ALA A 393 40.62 -19.94 -34.19
CA ALA A 393 40.98 -19.94 -32.76
C ALA A 393 40.45 -18.70 -31.99
N GLU A 394 40.58 -17.52 -32.60
CA GLU A 394 40.11 -16.26 -31.99
C GLU A 394 38.59 -16.30 -31.76
N SER A 395 37.86 -16.73 -32.78
CA SER A 395 36.41 -16.77 -32.72
C SER A 395 35.90 -17.83 -31.72
N VAL A 396 36.58 -18.97 -31.63
CA VAL A 396 36.26 -20.00 -30.65
C VAL A 396 36.56 -19.56 -29.22
N ALA A 397 37.71 -18.93 -29.01
CA ALA A 397 38.05 -18.42 -27.68
C ALA A 397 37.02 -17.37 -27.16
N ALA A 398 36.50 -16.53 -28.05
CA ALA A 398 35.48 -15.56 -27.66
C ALA A 398 34.19 -16.25 -27.21
N VAL A 399 33.76 -17.29 -27.93
CA VAL A 399 32.63 -18.12 -27.54
C VAL A 399 32.82 -18.77 -26.15
N LYS A 400 34.01 -19.32 -25.92
CA LYS A 400 34.38 -19.95 -24.66
C LYS A 400 34.35 -18.95 -23.51
N GLU A 401 34.81 -17.73 -23.80
CA GLU A 401 34.80 -16.67 -22.81
C GLU A 401 33.34 -16.30 -22.44
N ALA A 402 32.49 -16.19 -23.46
CA ALA A 402 31.07 -15.83 -23.27
C ALA A 402 30.30 -16.91 -22.52
N GLU A 403 30.66 -18.18 -22.76
CA GLU A 403 30.03 -19.31 -22.07
C GLU A 403 30.40 -19.24 -20.60
N LYS A 404 31.67 -18.97 -20.34
CA LYS A 404 32.16 -18.91 -18.99
C LYS A 404 31.49 -17.78 -18.21
N ALA A 405 31.28 -16.62 -18.85
CA ALA A 405 30.58 -15.51 -18.20
C ALA A 405 29.14 -15.88 -17.81
N ILE A 406 28.46 -16.66 -18.64
CA ILE A 406 27.15 -17.16 -18.29
C ILE A 406 27.19 -18.13 -17.09
N ARG A 407 28.16 -19.04 -17.11
CA ARG A 407 28.30 -20.03 -16.04
C ARG A 407 28.73 -19.37 -14.74
N SER A 408 29.40 -18.23 -14.82
CA SER A 408 29.82 -17.57 -13.60
C SER A 408 28.88 -16.44 -13.13
N LEU A 409 27.70 -16.34 -13.73
CA LEU A 409 26.66 -15.43 -13.23
C LEU A 409 26.26 -15.84 -11.81
N ASP A 410 26.12 -14.85 -10.94
CA ASP A 410 25.49 -15.08 -9.64
C ASP A 410 24.19 -15.88 -9.81
N SER A 411 24.02 -16.95 -9.02
CA SER A 411 22.84 -17.82 -9.16
C SER A 411 21.65 -17.30 -8.36
N ASN A 412 21.87 -16.20 -7.66
CA ASN A 412 20.84 -15.58 -6.83
C ASN A 412 20.47 -14.16 -7.23
N LEU A 413 20.25 -13.95 -8.52
CA LEU A 413 19.82 -12.65 -9.00
C LEU A 413 18.32 -12.48 -8.87
N SER A 414 17.90 -11.24 -8.68
CA SER A 414 16.48 -10.94 -8.59
C SER A 414 15.98 -10.58 -9.97
N ARG A 415 14.65 -10.54 -10.10
CA ARG A 415 13.99 -10.07 -11.31
C ARG A 415 14.42 -8.62 -11.67
N ALA A 416 14.79 -7.83 -10.67
CA ALA A 416 15.25 -6.46 -10.92
C ALA A 416 16.62 -6.44 -11.64
N GLN A 417 17.36 -7.54 -11.52
CA GLN A 417 18.68 -7.68 -12.13
C GLN A 417 18.68 -8.53 -13.41
N GLN A 418 17.51 -8.70 -14.03
CA GLN A 418 17.39 -9.56 -15.19
C GLN A 418 18.31 -9.13 -16.35
N ASP A 419 18.46 -7.83 -16.54
CA ASP A 419 19.39 -7.28 -17.53
C ASP A 419 20.77 -7.92 -17.52
N THR A 420 21.30 -8.20 -16.34
CA THR A 420 22.62 -8.81 -16.19
C THR A 420 22.69 -10.14 -16.92
N ILE A 421 21.63 -10.93 -16.79
CA ILE A 421 21.54 -12.23 -17.44
C ILE A 421 21.34 -12.02 -18.94
N ASP A 422 20.46 -11.09 -19.30
CA ASP A 422 20.14 -10.90 -20.70
C ASP A 422 21.34 -10.38 -21.53
N GLN A 423 22.19 -9.56 -20.91
CA GLN A 423 23.39 -9.05 -21.59
C GLN A 423 24.38 -10.19 -21.86
N ALA A 424 24.56 -11.07 -20.87
CA ALA A 424 25.42 -12.24 -21.02
C ALA A 424 24.90 -13.17 -22.13
N ILE A 425 23.58 -13.31 -22.21
CA ILE A 425 22.98 -14.11 -23.30
C ILE A 425 23.22 -13.46 -24.65
N ALA A 426 22.97 -12.15 -24.77
CA ALA A 426 23.20 -11.46 -26.04
C ALA A 426 24.69 -11.54 -26.48
N LYS A 427 25.61 -11.48 -25.52
CA LYS A 427 27.04 -11.56 -25.78
C LYS A 427 27.46 -12.95 -26.30
N LEU A 428 26.86 -14.00 -25.75
CA LEU A 428 27.13 -15.33 -26.24
C LEU A 428 26.64 -15.46 -27.67
N GLN A 429 25.42 -14.97 -27.94
CA GLN A 429 24.84 -15.03 -29.28
C GLN A 429 25.72 -14.29 -30.31
N GLU A 430 26.19 -13.11 -29.94
CA GLU A 430 27.11 -12.35 -30.79
C GLU A 430 28.38 -13.18 -31.12
N THR A 431 28.97 -13.81 -30.11
CA THR A 431 30.20 -14.60 -30.33
C THR A 431 29.94 -15.81 -31.22
N VAL A 432 28.76 -16.41 -31.06
CA VAL A 432 28.33 -17.53 -31.90
C VAL A 432 28.13 -17.07 -33.34
N ASN A 433 27.48 -15.92 -33.50
CA ASN A 433 27.35 -15.31 -34.82
C ASN A 433 28.71 -15.02 -35.42
N ASN A 434 29.68 -14.75 -34.57
CA ASN A 434 31.03 -14.39 -35.04
C ASN A 434 31.91 -15.60 -35.40
N LEU A 435 31.42 -16.81 -35.15
CA LEU A 435 32.23 -18.00 -35.48
C LEU A 435 32.56 -17.98 -36.96
N THR A 436 33.85 -18.12 -37.25
CA THR A 436 34.37 -17.97 -38.60
C THR A 436 35.14 -19.25 -38.96
N LEU A 437 34.82 -19.84 -40.10
CA LEU A 437 35.45 -21.07 -40.59
C LEU A 437 36.96 -20.89 -40.79
N THR A 438 37.73 -21.91 -40.39
CA THR A 438 39.14 -22.01 -40.80
C THR A 438 39.21 -22.14 -42.32
N PRO A 439 40.37 -21.86 -42.94
CA PRO A 439 40.45 -22.15 -44.39
C PRO A 439 40.17 -23.63 -44.72
N GLU A 440 40.57 -24.54 -43.83
CA GLU A 440 40.38 -25.99 -44.08
C GLU A 440 38.91 -26.36 -44.02
N ALA A 441 38.20 -25.87 -43.00
CA ALA A 441 36.75 -26.10 -42.88
C ALA A 441 36.01 -25.44 -44.04
N GLN A 442 36.48 -24.27 -44.47
CA GLN A 442 35.86 -23.59 -45.61
C GLN A 442 35.90 -24.44 -46.88
N LYS A 443 37.06 -25.01 -47.15
CA LYS A 443 37.25 -25.87 -48.33
C LYS A 443 36.33 -27.11 -48.22
N GLU A 444 36.31 -27.73 -47.05
CA GLU A 444 35.43 -28.88 -46.82
C GLU A 444 33.97 -28.52 -47.02
N GLU A 445 33.54 -27.38 -46.49
CA GLU A 445 32.15 -26.95 -46.60
C GLU A 445 31.76 -26.71 -48.05
N GLU A 446 32.64 -26.04 -48.80
CA GLU A 446 32.41 -25.84 -50.23
C GLU A 446 32.36 -27.17 -50.99
N ALA A 447 33.22 -28.12 -50.61
CA ALA A 447 33.17 -29.47 -51.23
C ALA A 447 31.80 -30.12 -51.02
N LYS A 448 31.26 -29.96 -49.82
CA LYS A 448 29.97 -30.50 -49.42
C LYS A 448 28.77 -29.82 -50.11
N ARG A 449 28.86 -28.51 -50.33
CA ARG A 449 27.81 -27.78 -51.07
C ARG A 449 27.76 -28.28 -52.50
N GLU A 450 28.91 -28.68 -53.02
CA GLU A 450 29.06 -29.11 -54.40
C GLU A 450 28.38 -30.47 -54.65
N VAL A 451 28.55 -31.41 -53.73
CA VAL A 451 27.90 -32.71 -53.85
C VAL A 451 26.38 -32.61 -53.64
N GLU A 452 25.96 -31.79 -52.67
CA GLU A 452 24.55 -31.56 -52.36
C GLU A 452 23.78 -30.93 -53.52
N LYS A 453 24.47 -30.12 -54.33
CA LYS A 453 23.88 -29.55 -55.55
C LYS A 453 23.68 -30.59 -56.66
N LEU A 454 24.50 -31.64 -56.66
CA LEU A 454 24.37 -32.72 -57.64
C LEU A 454 23.11 -33.58 -57.40
N ALA A 455 22.10 -32.98 -56.76
CA ALA A 455 20.81 -33.60 -56.49
C ALA A 455 19.67 -32.86 -57.22
N ASN B 6 7.78 11.31 -16.83
CA ASN B 6 7.32 12.38 -17.78
C ASN B 6 6.05 13.06 -17.27
N GLU B 7 4.92 12.36 -17.37
CA GLU B 7 3.72 12.75 -16.63
C GLU B 7 3.98 12.59 -15.12
N LYS B 8 4.88 11.69 -14.77
CA LYS B 8 5.29 11.49 -13.39
C LYS B 8 6.12 12.68 -12.91
N LEU B 9 7.07 13.12 -13.72
CA LEU B 9 7.94 14.25 -13.39
C LEU B 9 7.17 15.55 -13.27
N ALA B 10 6.08 15.68 -14.02
CA ALA B 10 5.25 16.88 -13.99
C ALA B 10 4.38 17.01 -12.73
N LYS B 11 4.29 15.97 -11.92
CA LYS B 11 3.52 16.07 -10.68
C LYS B 11 4.24 16.91 -9.62
N LYS B 12 3.49 17.46 -8.68
CA LYS B 12 4.09 18.16 -7.55
C LYS B 12 4.66 17.17 -6.54
N LYS B 13 5.87 17.45 -6.06
CA LYS B 13 6.44 16.72 -4.92
C LYS B 13 6.78 17.76 -3.90
N ILE B 14 6.12 17.67 -2.76
CA ILE B 14 6.09 18.74 -1.81
C ILE B 14 6.57 18.25 -0.43
N VAL B 15 7.37 19.06 0.27
CA VAL B 15 7.62 18.83 1.70
C VAL B 15 6.88 19.91 2.49
N SER B 16 6.19 19.51 3.56
CA SER B 16 5.43 20.43 4.38
C SER B 16 6.13 20.65 5.71
N ILE B 17 6.17 21.90 6.15
CA ILE B 17 6.87 22.23 7.39
C ILE B 17 5.94 23.06 8.27
N ASP B 18 5.71 22.59 9.49
CA ASP B 18 4.86 23.29 10.45
C ASP B 18 5.65 24.43 11.10
N ALA B 19 5.65 25.59 10.43
CA ALA B 19 6.28 26.77 11.02
C ALA B 19 5.21 27.71 11.57
N GLY B 20 4.05 27.15 11.94
CA GLY B 20 3.03 27.88 12.69
C GLY B 20 3.17 27.67 14.18
N ARG B 21 3.22 26.40 14.61
CA ARG B 21 3.43 26.13 16.03
C ARG B 21 4.82 26.53 16.51
N LYS B 22 5.80 26.35 15.63
CA LYS B 22 7.19 26.44 16.01
C LYS B 22 7.92 27.38 15.06
N TYR B 23 8.90 28.13 15.58
CA TYR B 23 9.67 29.07 14.78
C TYR B 23 10.75 28.34 13.98
N PHE B 24 10.78 28.61 12.68
CA PHE B 24 11.90 28.22 11.82
C PHE B 24 12.59 29.49 11.28
N SER B 25 13.92 29.52 11.34
CA SER B 25 14.70 30.66 10.83
C SER B 25 14.78 30.66 9.31
N PRO B 26 15.04 31.85 8.69
CA PRO B 26 15.23 31.82 7.25
C PRO B 26 16.36 30.88 6.79
N GLU B 27 17.41 30.75 7.59
CA GLU B 27 18.53 29.90 7.18
C GLU B 27 18.15 28.40 7.24
N GLN B 28 17.37 28.03 8.25
CA GLN B 28 16.86 26.64 8.34
C GLN B 28 15.98 26.33 7.15
N LEU B 29 15.13 27.28 6.79
CA LEU B 29 14.22 27.11 5.67
C LEU B 29 14.94 27.10 4.33
N LYS B 30 15.98 27.92 4.18
CA LYS B 30 16.77 27.87 2.93
C LYS B 30 17.46 26.52 2.76
N GLU B 31 17.96 25.95 3.85
CA GLU B 31 18.59 24.64 3.75
C GLU B 31 17.58 23.52 3.37
N ILE B 32 16.36 23.61 3.90
CA ILE B 32 15.29 22.71 3.51
C ILE B 32 15.00 22.87 2.02
N ILE B 33 14.98 24.12 1.53
CA ILE B 33 14.80 24.37 0.09
C ILE B 33 15.95 23.75 -0.73
N ASP B 34 17.19 23.92 -0.25
CA ASP B 34 18.35 23.34 -0.92
C ASP B 34 18.18 21.79 -1.04
N LYS B 35 17.76 21.13 0.04
CA LYS B 35 17.53 19.70 0.02
C LYS B 35 16.39 19.28 -0.90
N ALA B 36 15.32 20.06 -0.90
CA ALA B 36 14.17 19.78 -1.75
C ALA B 36 14.61 19.77 -3.20
N LYS B 37 15.38 20.80 -3.56
CA LYS B 37 15.90 20.90 -4.90
C LYS B 37 16.81 19.69 -5.22
N HIS B 38 17.72 19.38 -4.32
CA HIS B 38 18.64 18.28 -4.49
C HIS B 38 17.90 16.94 -4.70
N TYR B 39 16.81 16.72 -3.95
CA TYR B 39 16.10 15.45 -4.03
C TYR B 39 15.05 15.41 -5.13
N GLY B 40 14.86 16.52 -5.85
CA GLY B 40 13.88 16.53 -6.96
C GLY B 40 12.47 16.95 -6.62
N TYR B 41 12.29 17.57 -5.46
CA TYR B 41 10.99 18.14 -5.09
C TYR B 41 10.68 19.36 -5.96
N THR B 42 9.43 19.81 -5.94
CA THR B 42 9.02 21.00 -6.67
C THR B 42 8.55 22.14 -5.76
N ASP B 43 8.15 21.83 -4.53
CA ASP B 43 7.51 22.83 -3.65
C ASP B 43 7.79 22.64 -2.17
N LEU B 44 7.87 23.76 -1.46
CA LEU B 44 7.84 23.79 -0.04
C LEU B 44 6.45 24.29 0.39
N HIS B 45 5.79 23.51 1.23
CA HIS B 45 4.50 23.87 1.83
C HIS B 45 4.79 24.35 3.25
N LEU B 46 4.62 25.65 3.48
CA LEU B 46 5.03 26.24 4.74
C LEU B 46 3.82 26.73 5.55
N LEU B 47 3.46 26.02 6.63
CA LEU B 47 2.42 26.53 7.50
C LEU B 47 3.02 27.70 8.29
N VAL B 48 2.36 28.84 8.27
CA VAL B 48 2.79 29.96 9.12
C VAL B 48 1.69 30.33 10.11
N GLY B 49 0.45 30.08 9.75
CA GLY B 49 -0.65 30.15 10.72
C GLY B 49 -1.12 28.73 11.05
N ASN B 50 -0.76 28.26 12.23
CA ASN B 50 -1.11 26.91 12.70
C ASN B 50 -0.86 26.93 14.19
N ASP B 51 -1.91 27.28 14.96
CA ASP B 51 -1.84 27.70 16.38
C ASP B 51 -1.10 29.06 16.54
N GLY B 52 0.22 29.07 16.35
CA GLY B 52 0.94 30.32 16.23
C GLY B 52 0.59 30.98 14.92
N LEU B 53 0.87 32.29 14.82
CA LEU B 53 0.89 32.96 13.54
C LEU B 53 2.30 33.57 13.41
N ARG B 54 3.11 33.00 12.53
CA ARG B 54 4.56 33.27 12.56
C ARG B 54 5.08 33.89 11.26
N PHE B 55 4.25 34.72 10.67
CA PHE B 55 4.63 35.52 9.52
C PHE B 55 3.90 36.83 9.66
N LEU B 57 3.22 40.67 8.06
CA LEU B 57 3.35 41.65 6.97
C LEU B 57 3.88 42.97 7.56
N ASP B 58 4.55 43.78 6.73
CA ASP B 58 5.00 45.12 7.18
C ASP B 58 3.80 46.00 7.57
N ASP B 59 2.72 45.88 6.80
CA ASP B 59 1.47 46.63 7.02
C ASP B 59 0.35 45.62 7.44
N SER B 61 -2.55 46.48 9.00
CA SER B 61 -3.81 47.18 9.26
C SER B 61 -4.99 46.34 8.77
N ILE B 62 -6.10 46.38 9.50
CA ILE B 62 -7.29 45.65 9.12
C ILE B 62 -8.52 46.55 9.15
N THR B 63 -9.30 46.55 8.08
CA THR B 63 -10.64 47.09 8.16
C THR B 63 -11.68 45.98 7.93
N ALA B 64 -12.51 45.76 8.94
CA ALA B 64 -13.52 44.69 8.87
C ALA B 64 -14.86 45.16 9.42
N ASN B 65 -15.89 45.09 8.58
CA ASN B 65 -17.25 45.50 8.94
C ASN B 65 -17.29 46.85 9.67
N GLY B 66 -16.69 47.87 9.05
CA GLY B 66 -16.72 49.24 9.56
C GLY B 66 -15.83 49.52 10.76
N LYS B 67 -15.03 48.53 11.16
CA LYS B 67 -14.05 48.74 12.23
C LYS B 67 -12.63 48.65 11.67
N THR B 68 -11.77 49.58 12.09
CA THR B 68 -10.43 49.70 11.54
C THR B 68 -9.42 49.54 12.67
N TYR B 69 -8.45 48.66 12.47
CA TYR B 69 -7.42 48.40 13.48
C TYR B 69 -6.07 48.83 12.88
N ALA B 70 -5.29 49.59 13.64
CA ALA B 70 -4.03 50.16 13.13
C ALA B 70 -2.95 49.10 13.02
N SER B 71 -2.11 49.22 12.00
CA SER B 71 -1.09 48.21 11.73
C SER B 71 -0.30 47.82 12.97
N ASP B 72 0.20 48.78 13.72
CA ASP B 72 1.04 48.46 14.88
C ASP B 72 0.28 47.79 16.03
N ASP B 73 -1.00 48.12 16.18
CA ASP B 73 -1.81 47.48 17.22
C ASP B 73 -2.02 46.01 16.88
N VAL B 74 -2.34 45.73 15.62
CA VAL B 74 -2.49 44.35 15.13
C VAL B 74 -1.19 43.55 15.34
N LYS B 75 -0.03 44.12 14.97
CA LYS B 75 1.27 43.45 15.15
C LYS B 75 1.53 43.05 16.60
N ARG B 76 1.35 44.00 17.51
CA ARG B 76 1.55 43.73 18.94
C ARG B 76 0.60 42.64 19.45
N ALA B 77 -0.64 42.66 18.97
CA ALA B 77 -1.64 41.71 19.45
C ALA B 77 -1.32 40.29 18.92
N ILE B 78 -0.94 40.19 17.65
CA ILE B 78 -0.55 38.91 17.04
C ILE B 78 0.71 38.35 17.69
N GLU B 79 1.75 39.17 17.85
CA GLU B 79 2.97 38.75 18.54
C GLU B 79 2.68 38.17 19.91
N LYS B 80 1.87 38.90 20.69
CA LYS B 80 1.53 38.43 22.03
C LYS B 80 0.66 37.17 21.95
N GLY B 81 -0.26 37.14 20.97
CA GLY B 81 -1.16 35.99 20.81
C GLY B 81 -0.38 34.72 20.48
N THR B 82 0.64 34.87 19.64
CA THR B 82 1.54 33.78 19.30
C THR B 82 2.35 33.36 20.53
N ASN B 83 2.87 34.33 21.27
CA ASN B 83 3.64 34.03 22.47
C ASN B 83 2.82 33.40 23.59
N ASP B 84 1.52 33.71 23.64
CA ASP B 84 0.59 33.07 24.59
C ASP B 84 0.40 31.58 24.24
N TYR B 85 0.42 31.25 22.94
CA TYR B 85 0.41 29.84 22.54
C TYR B 85 1.75 29.19 22.86
N TYR B 86 2.84 29.72 22.30
CA TYR B 86 4.16 29.22 22.61
C TYR B 86 5.22 30.29 22.34
N ASN B 87 5.91 30.71 23.40
CA ASN B 87 6.96 31.73 23.28
C ASN B 87 8.27 31.07 22.91
N ASP B 88 8.49 30.91 21.61
CA ASP B 88 9.63 30.15 21.10
C ASP B 88 10.92 30.95 21.34
N PRO B 89 11.88 30.41 22.11
CA PRO B 89 13.08 31.20 22.31
C PRO B 89 13.87 31.47 21.03
N ASN B 90 13.60 30.71 19.96
CA ASN B 90 14.37 30.88 18.71
C ASN B 90 13.90 32.06 17.86
N GLY B 91 12.66 32.50 18.07
CA GLY B 91 12.06 33.60 17.31
C GLY B 91 10.55 33.60 17.42
N ASN B 92 9.90 34.65 16.91
CA ASN B 92 8.46 34.79 17.02
C ASN B 92 7.79 34.66 15.65
N HIS B 93 8.29 35.41 14.66
CA HIS B 93 7.72 35.41 13.31
C HIS B 93 8.78 35.68 12.26
N LEU B 94 8.46 35.30 11.03
CA LEU B 94 9.21 35.70 9.86
C LEU B 94 8.69 37.08 9.44
N THR B 95 9.59 37.98 9.08
CA THR B 95 9.21 39.31 8.62
C THR B 95 8.91 39.22 7.14
N GLU B 96 8.28 40.27 6.61
CA GLU B 96 7.98 40.33 5.20
C GLU B 96 9.23 40.34 4.32
N SER B 97 10.27 41.06 4.75
CA SER B 97 11.54 41.05 4.01
C SER B 97 12.14 39.63 3.96
N GLN B 98 12.14 38.94 5.09
CA GLN B 98 12.60 37.54 5.12
C GLN B 98 11.78 36.64 4.18
N THR B 100 9.82 37.49 1.58
CA THR B 100 10.05 37.88 0.19
C THR B 100 11.39 37.34 -0.29
N ASP B 101 12.41 37.47 0.54
CA ASP B 101 13.72 36.91 0.19
C ASP B 101 13.64 35.36 0.08
N LEU B 102 12.91 34.70 0.97
CA LEU B 102 12.82 33.23 0.94
C LEU B 102 12.14 32.75 -0.34
N ILE B 103 11.06 33.41 -0.72
CA ILE B 103 10.33 33.05 -1.94
C ILE B 103 11.19 33.20 -3.21
N ASN B 104 11.93 34.31 -3.28
CA ASN B 104 12.86 34.55 -4.39
C ASN B 104 13.99 33.51 -4.41
N TYR B 105 14.56 33.21 -3.25
CA TYR B 105 15.58 32.18 -3.11
C TYR B 105 15.06 30.81 -3.63
N ALA B 106 13.84 30.45 -3.25
CA ALA B 106 13.25 29.19 -3.68
C ALA B 106 12.98 29.23 -5.19
N LYS B 107 12.41 30.33 -5.66
CA LYS B 107 12.13 30.51 -7.09
C LYS B 107 13.39 30.40 -7.97
N ASP B 108 14.50 30.96 -7.52
CA ASP B 108 15.78 30.87 -8.23
C ASP B 108 16.26 29.42 -8.36
N LYS B 109 15.78 28.55 -7.47
CA LYS B 109 16.07 27.11 -7.56
C LYS B 109 14.96 26.27 -8.21
N GLY B 110 13.92 26.91 -8.75
CA GLY B 110 12.76 26.20 -9.31
C GLY B 110 11.87 25.53 -8.25
N ILE B 111 11.89 26.06 -7.02
CA ILE B 111 11.03 25.58 -5.96
C ILE B 111 9.95 26.63 -5.67
N GLY B 112 8.69 26.19 -5.67
CA GLY B 112 7.55 27.04 -5.32
C GLY B 112 7.29 27.04 -3.82
N LEU B 113 6.54 28.02 -3.34
CA LEU B 113 6.15 28.03 -1.94
C LEU B 113 4.62 28.10 -1.81
N ILE B 114 4.10 27.29 -0.90
CA ILE B 114 2.66 27.26 -0.62
C ILE B 114 2.47 27.55 0.85
N PRO B 115 1.85 28.70 1.18
CA PRO B 115 1.63 29.02 2.57
C PRO B 115 0.33 28.43 3.12
N THR B 116 0.28 28.18 4.43
CA THR B 116 -0.98 27.93 5.11
C THR B 116 -1.22 28.95 6.20
N VAL B 117 -2.41 29.56 6.19
CA VAL B 117 -2.92 30.26 7.36
C VAL B 117 -4.26 29.60 7.75
N ASN B 118 -4.21 28.81 8.82
CA ASN B 118 -5.30 27.91 9.20
C ASN B 118 -6.44 28.67 9.86
N SER B 119 -7.65 28.33 9.43
CA SER B 119 -8.87 28.65 10.15
C SER B 119 -9.94 27.65 9.64
N PRO B 120 -11.10 27.53 10.34
CA PRO B 120 -11.54 28.25 11.55
C PRO B 120 -10.93 27.68 12.80
N GLY B 121 -10.22 26.55 12.68
CA GLY B 121 -9.48 25.98 13.81
C GLY B 121 -7.99 26.25 13.71
N HIS B 122 -7.22 25.66 14.63
CA HIS B 122 -5.79 25.88 14.74
C HIS B 122 -5.41 27.35 14.52
N ASP B 124 -5.20 29.70 17.42
CA ASP B 124 -5.09 30.23 18.78
C ASP B 124 -4.64 31.70 18.78
N ALA B 125 -3.53 31.98 18.10
CA ALA B 125 -2.88 33.29 18.09
C ALA B 125 -3.78 34.38 17.55
N ILE B 126 -4.49 34.10 16.46
CA ILE B 126 -5.42 35.05 15.90
C ILE B 126 -6.57 35.34 16.88
N LEU B 127 -7.06 34.30 17.57
CA LEU B 127 -8.11 34.47 18.60
C LEU B 127 -7.62 35.33 19.77
N ASN B 128 -6.43 35.01 20.28
CA ASN B 128 -5.83 35.80 21.33
C ASN B 128 -5.68 37.29 20.91
N ALA B 129 -5.24 37.51 19.67
CA ALA B 129 -5.06 38.85 19.14
C ALA B 129 -6.38 39.60 19.03
N LYS B 131 -9.07 39.11 20.73
CA LYS B 131 -9.46 39.42 22.10
C LYS B 131 -8.79 40.72 22.56
N GLU B 132 -7.47 40.78 22.40
CA GLU B 132 -6.69 41.97 22.80
C GLU B 132 -7.16 43.23 22.07
N LEU B 133 -7.53 43.09 20.80
CA LEU B 133 -8.01 44.22 20.00
C LEU B 133 -9.45 44.67 20.29
N GLY B 134 -10.11 44.06 21.29
CA GLY B 134 -11.47 44.48 21.67
C GLY B 134 -12.65 43.73 21.07
N ILE B 135 -12.38 42.65 20.33
CA ILE B 135 -13.44 41.80 19.80
C ILE B 135 -13.87 40.84 20.91
N GLN B 136 -15.16 40.86 21.27
CA GLN B 136 -15.61 40.09 22.45
C GLN B 136 -15.95 38.64 22.12
N ASN B 137 -15.47 37.73 22.99
CA ASN B 137 -15.70 36.28 22.86
C ASN B 137 -15.54 35.78 21.43
N PRO B 138 -14.33 35.92 20.86
CA PRO B 138 -14.15 35.34 19.52
C PRO B 138 -14.14 33.80 19.56
N ASN B 139 -13.68 33.21 20.66
CA ASN B 139 -13.57 31.75 20.75
C ASN B 139 -14.93 31.04 20.78
N PHE B 140 -15.02 29.92 20.07
CA PHE B 140 -16.22 29.08 20.14
C PHE B 140 -16.28 28.39 21.48
N SER B 141 -17.46 28.42 22.10
CA SER B 141 -17.72 27.74 23.37
C SER B 141 -18.77 26.64 23.18
N TYR B 142 -18.51 25.48 23.81
CA TYR B 142 -19.43 24.35 23.73
C TYR B 142 -19.90 23.96 25.12
N PHE B 143 -21.17 24.25 25.41
CA PHE B 143 -21.76 24.02 26.74
C PHE B 143 -20.81 24.45 27.85
N GLY B 144 -20.39 25.71 27.78
CA GLY B 144 -19.49 26.32 28.74
C GLY B 144 -18.02 25.98 28.58
N LYS B 145 -17.69 25.04 27.70
CA LYS B 145 -16.29 24.72 27.44
C LYS B 145 -15.72 25.51 26.24
N LYS B 146 -14.73 26.36 26.53
CA LYS B 146 -14.13 27.22 25.50
C LYS B 146 -13.06 26.51 24.69
N SER B 147 -13.18 26.55 23.36
CA SER B 147 -12.09 26.11 22.47
C SER B 147 -10.94 27.12 22.54
N ALA B 148 -9.72 26.63 22.75
CA ALA B 148 -8.54 27.49 22.64
C ALA B 148 -8.15 27.83 21.18
N ARG B 149 -8.69 27.08 20.21
CA ARG B 149 -8.16 27.09 18.85
C ARG B 149 -9.13 27.49 17.77
N THR B 150 -10.41 27.64 18.13
CA THR B 150 -11.44 27.75 17.09
C THR B 150 -12.34 28.99 17.24
N VAL B 151 -12.60 29.64 16.11
CA VAL B 151 -13.46 30.83 16.05
C VAL B 151 -14.94 30.44 15.99
N ASP B 152 -15.76 31.19 16.72
CA ASP B 152 -17.20 31.05 16.71
C ASP B 152 -17.78 31.59 15.41
N LEU B 153 -18.37 30.74 14.61
CA LEU B 153 -18.94 31.18 13.33
C LEU B 153 -20.18 32.08 13.48
N ASP B 154 -20.68 32.21 14.71
CA ASP B 154 -21.79 33.14 14.99
C ASP B 154 -21.32 34.52 15.46
N ASN B 155 -20.02 34.64 15.74
CA ASN B 155 -19.46 35.93 16.12
C ASN B 155 -19.09 36.70 14.85
N GLU B 156 -19.98 37.61 14.44
CA GLU B 156 -19.91 38.23 13.13
C GLU B 156 -18.63 39.05 12.93
N GLN B 157 -18.21 39.76 13.97
CA GLN B 157 -17.00 40.57 13.92
C GLN B 157 -15.73 39.71 13.97
N ALA B 158 -15.72 38.64 14.79
CA ALA B 158 -14.58 37.73 14.82
C ALA B 158 -14.37 37.13 13.42
N VAL B 159 -15.47 36.75 12.78
CA VAL B 159 -15.41 36.14 11.45
C VAL B 159 -14.96 37.14 10.36
N ALA B 160 -15.46 38.37 10.43
CA ALA B 160 -15.09 39.38 9.43
C ALA B 160 -13.62 39.78 9.55
N PHE B 161 -13.11 39.83 10.78
CA PHE B 161 -11.71 40.11 11.01
C PHE B 161 -10.84 38.97 10.43
N THR B 162 -11.24 37.72 10.69
CA THR B 162 -10.50 36.57 10.21
C THR B 162 -10.45 36.58 8.71
N LYS B 163 -11.59 36.83 8.06
CA LYS B 163 -11.61 36.91 6.61
C LYS B 163 -10.69 38.03 6.08
N ALA B 164 -10.72 39.19 6.74
CA ALA B 164 -9.91 40.33 6.32
C ALA B 164 -8.42 39.99 6.42
N LEU B 165 -8.06 39.30 7.50
CA LEU B 165 -6.70 38.82 7.73
C LEU B 165 -6.21 37.87 6.62
N ILE B 166 -7.02 36.87 6.29
CA ILE B 166 -6.73 35.95 5.21
C ILE B 166 -6.59 36.70 3.90
N ASP B 167 -7.49 37.65 3.69
CA ASP B 167 -7.43 38.50 2.49
C ASP B 167 -6.08 39.24 2.39
N LYS B 168 -5.59 39.75 3.51
CA LYS B 168 -4.31 40.46 3.53
C LYS B 168 -3.12 39.57 3.20
N TYR B 169 -3.11 38.36 3.76
CA TYR B 169 -2.07 37.40 3.42
C TYR B 169 -2.15 37.00 1.97
N ALA B 170 -3.37 36.75 1.48
CA ALA B 170 -3.50 36.32 0.08
C ALA B 170 -3.06 37.42 -0.89
N ALA B 171 -3.35 38.67 -0.53
CA ALA B 171 -2.89 39.83 -1.31
C ALA B 171 -1.36 39.81 -1.40
N TYR B 172 -0.68 39.61 -0.27
CA TYR B 172 0.77 39.48 -0.28
C TYR B 172 1.28 38.31 -1.14
N PHE B 173 0.63 37.15 -1.06
CA PHE B 173 1.14 35.96 -1.75
C PHE B 173 0.76 35.93 -3.23
N ALA B 174 -0.20 36.76 -3.63
CA ALA B 174 -0.61 36.82 -5.03
C ALA B 174 0.61 37.04 -5.92
N LYS B 175 0.64 36.39 -7.07
CA LYS B 175 1.83 36.53 -7.96
C LYS B 175 3.21 36.04 -7.40
N LYS B 176 3.37 35.85 -6.09
CA LYS B 176 4.61 35.24 -5.58
C LYS B 176 4.48 33.71 -5.51
N THR B 177 3.23 33.25 -5.49
CA THR B 177 2.88 31.84 -5.29
C THR B 177 1.68 31.50 -6.18
N GLU B 178 1.22 30.24 -6.09
CA GLU B 178 0.16 29.74 -6.95
C GLU B 178 -1.03 29.22 -6.13
N ILE B 179 -0.72 28.62 -4.97
CA ILE B 179 -1.71 27.97 -4.13
C ILE B 179 -1.68 28.58 -2.74
N PHE B 180 -2.85 28.83 -2.15
CA PHE B 180 -2.96 29.26 -0.78
C PHE B 180 -3.78 28.22 0.00
N ASN B 181 -3.20 27.66 1.07
CA ASN B 181 -3.91 26.66 1.89
C ASN B 181 -4.66 27.32 3.04
N ILE B 182 -5.99 27.26 2.97
CA ILE B 182 -6.81 27.80 4.04
C ILE B 182 -7.09 26.82 5.20
N GLY B 183 -6.59 25.60 5.08
CA GLY B 183 -6.61 24.65 6.20
C GLY B 183 -7.95 23.96 6.39
N LEU B 184 -8.87 24.64 7.08
CA LEU B 184 -10.21 24.12 7.37
C LEU B 184 -10.21 22.76 8.09
N ASP B 185 -9.20 22.50 8.93
CA ASP B 185 -8.94 21.13 9.38
C ASP B 185 -9.59 20.69 10.72
N GLU B 186 -10.28 21.60 11.40
CA GLU B 186 -11.03 21.23 12.60
C GLU B 186 -12.09 22.24 12.93
N TYR B 187 -13.06 21.82 13.73
CA TYR B 187 -13.93 22.78 14.38
C TYR B 187 -14.07 22.45 15.84
N ALA B 188 -13.25 23.10 16.65
CA ALA B 188 -13.25 23.00 18.11
C ALA B 188 -13.16 21.57 18.63
N ASN B 189 -12.15 20.83 18.20
CA ASN B 189 -11.98 19.46 18.68
C ASN B 189 -11.64 19.40 20.17
N ASP B 190 -11.06 20.49 20.69
CA ASP B 190 -10.68 20.54 22.10
C ASP B 190 -11.86 20.88 23.01
N ALA B 191 -12.96 21.30 22.42
CA ALA B 191 -14.16 21.64 23.19
C ALA B 191 -15.29 20.61 23.01
N THR B 192 -15.15 19.73 22.01
CA THR B 192 -16.23 18.82 21.62
C THR B 192 -15.83 17.35 21.71
N ASP B 193 -14.82 17.04 22.52
CA ASP B 193 -14.25 15.68 22.62
C ASP B 193 -13.85 15.09 21.27
N ALA B 194 -13.19 15.90 20.44
CA ALA B 194 -12.74 15.53 19.09
C ALA B 194 -13.87 15.17 18.11
N LYS B 195 -15.05 15.74 18.33
CA LYS B 195 -16.21 15.39 17.53
C LYS B 195 -16.82 16.62 16.90
N GLY B 196 -15.95 17.59 16.61
CA GLY B 196 -16.36 18.86 16.04
C GLY B 196 -17.26 18.78 14.84
N TRP B 197 -16.87 18.01 13.82
CA TRP B 197 -17.69 17.91 12.60
C TRP B 197 -19.09 17.34 12.90
N SER B 198 -19.16 16.35 13.80
CA SER B 198 -20.42 15.73 14.22
C SER B 198 -21.30 16.72 14.96
N VAL B 199 -20.70 17.47 15.88
CA VAL B 199 -21.40 18.53 16.59
C VAL B 199 -22.02 19.54 15.62
N LEU B 200 -21.24 19.97 14.63
CA LEU B 200 -21.75 20.91 13.63
C LEU B 200 -22.90 20.34 12.79
N GLN B 201 -22.91 19.03 12.61
CA GLN B 201 -23.92 18.39 11.76
C GLN B 201 -25.18 17.97 12.55
N ALA B 202 -25.04 17.93 13.88
CA ALA B 202 -25.99 17.26 14.76
C ALA B 202 -27.39 17.88 14.82
N ASP B 203 -27.47 19.21 14.83
CA ASP B 203 -28.75 19.90 14.99
C ASP B 203 -29.73 19.63 13.84
N LYS B 204 -29.21 19.26 12.68
CA LYS B 204 -30.07 18.86 11.57
C LYS B 204 -30.83 17.56 11.88
N TYR B 205 -30.17 16.63 12.55
CA TYR B 205 -30.74 15.29 12.79
C TYR B 205 -31.25 15.09 14.22
N TYR B 206 -30.87 16.00 15.11
CA TYR B 206 -31.28 15.94 16.51
C TYR B 206 -31.65 17.35 16.98
N PRO B 207 -32.75 17.91 16.45
CA PRO B 207 -33.12 19.29 16.77
C PRO B 207 -33.49 19.51 18.25
N ASN B 208 -33.50 20.78 18.65
CA ASN B 208 -33.93 21.19 20.00
C ASN B 208 -33.15 20.52 21.15
N GLU B 209 -31.85 20.35 20.97
CA GLU B 209 -31.00 19.75 22.01
C GLU B 209 -29.77 20.60 22.38
N GLY B 210 -29.70 21.82 21.83
CA GLY B 210 -28.58 22.73 22.11
C GLY B 210 -27.45 22.68 21.09
N TYR B 211 -27.50 21.73 20.17
CA TYR B 211 -26.51 21.64 19.10
C TYR B 211 -26.53 22.88 18.19
N PRO B 212 -25.33 23.42 17.84
CA PRO B 212 -25.19 24.61 17.00
C PRO B 212 -26.11 24.62 15.80
N VAL B 213 -27.06 25.55 15.81
CA VAL B 213 -28.04 25.69 14.75
C VAL B 213 -27.33 26.03 13.45
N LYS B 214 -27.64 25.27 12.40
CA LYS B 214 -27.06 25.48 11.06
C LYS B 214 -25.51 25.42 11.05
N GLY B 215 -24.94 24.80 12.09
CA GLY B 215 -23.49 24.73 12.25
C GLY B 215 -22.74 24.40 10.97
N TYR B 216 -22.99 23.21 10.43
CA TYR B 216 -22.22 22.71 9.29
C TYR B 216 -22.50 23.49 8.01
N GLU B 217 -23.73 23.97 7.89
CA GLU B 217 -24.11 24.83 6.77
C GLU B 217 -23.29 26.13 6.78
N LYS B 218 -23.06 26.66 7.97
CA LYS B 218 -22.30 27.89 8.11
C LYS B 218 -20.81 27.65 7.91
N PHE B 219 -20.36 26.43 8.20
CA PHE B 219 -18.99 26.05 7.93
C PHE B 219 -18.80 25.97 6.42
N ILE B 220 -19.77 25.40 5.71
CA ILE B 220 -19.65 25.35 4.26
C ILE B 220 -19.58 26.79 3.70
N ALA B 221 -20.46 27.67 4.16
CA ALA B 221 -20.49 29.05 3.67
C ALA B 221 -19.15 29.74 3.93
N TYR B 222 -18.57 29.52 5.11
CA TYR B 222 -17.30 30.09 5.48
C TYR B 222 -16.16 29.55 4.59
N ALA B 223 -16.11 28.23 4.42
CA ALA B 223 -15.13 27.61 3.55
C ALA B 223 -15.23 28.23 2.17
N ASN B 224 -16.46 28.39 1.69
CA ASN B 224 -16.67 28.95 0.36
C ASN B 224 -16.31 30.44 0.24
N ASP B 225 -16.59 31.20 1.30
CA ASP B 225 -16.19 32.60 1.43
C ASP B 225 -14.65 32.71 1.36
N LEU B 226 -13.95 31.89 2.14
CA LEU B 226 -12.49 31.87 2.07
C LEU B 226 -11.97 31.55 0.68
N ALA B 227 -12.55 30.54 0.05
CA ALA B 227 -12.14 30.18 -1.30
C ALA B 227 -12.34 31.35 -2.29
N ARG B 228 -13.43 32.08 -2.11
CA ARG B 228 -13.75 33.23 -2.97
C ARG B 228 -12.69 34.30 -2.78
N ILE B 229 -12.31 34.55 -1.53
CA ILE B 229 -11.26 35.52 -1.21
C ILE B 229 -9.95 35.14 -1.87
N VAL B 230 -9.53 33.88 -1.71
CA VAL B 230 -8.29 33.39 -2.29
C VAL B 230 -8.31 33.54 -3.80
N LYS B 231 -9.42 33.15 -4.41
CA LYS B 231 -9.57 33.28 -5.85
C LYS B 231 -9.62 34.74 -6.37
N SER B 232 -10.19 35.68 -5.60
CA SER B 232 -10.23 37.11 -5.99
C SER B 232 -8.82 37.66 -6.24
N HIS B 233 -7.82 37.05 -5.61
CA HIS B 233 -6.41 37.38 -5.84
C HIS B 233 -5.70 36.56 -6.92
N GLY B 234 -6.43 35.70 -7.63
CA GLY B 234 -5.78 34.85 -8.66
C GLY B 234 -5.06 33.61 -8.10
N LEU B 235 -5.21 33.34 -6.81
CA LEU B 235 -4.61 32.17 -6.18
C LEU B 235 -5.55 30.96 -6.19
N LYS B 236 -5.00 29.76 -6.04
CA LYS B 236 -5.82 28.54 -5.95
C LYS B 236 -5.96 28.12 -4.50
N PRO B 237 -7.21 27.98 -4.00
CA PRO B 237 -7.39 27.63 -2.60
C PRO B 237 -7.14 26.11 -2.38
N ALA B 239 -7.26 22.95 0.89
CA ALA B 239 -7.62 22.64 2.28
C ALA B 239 -7.36 21.18 2.64
N PHE B 240 -7.24 20.92 3.92
CA PHE B 240 -7.17 19.55 4.39
C PHE B 240 -8.55 18.89 4.25
N ASN B 241 -8.56 17.55 4.12
CA ASN B 241 -9.78 16.80 3.75
C ASN B 241 -10.87 16.64 4.84
N ASP B 242 -10.47 16.73 6.10
CA ASP B 242 -11.30 16.40 7.28
C ASP B 242 -12.77 16.75 7.20
N GLY B 243 -13.03 18.04 7.03
CA GLY B 243 -14.37 18.59 7.10
C GLY B 243 -15.01 18.75 5.74
N ILE B 244 -14.39 18.24 4.69
CA ILE B 244 -15.02 18.32 3.37
C ILE B 244 -15.99 17.13 3.22
N TYR B 245 -17.29 17.43 3.24
CA TYR B 245 -18.36 16.41 3.23
C TYR B 245 -18.09 15.36 4.30
N TYR B 246 -17.92 15.83 5.54
CA TYR B 246 -17.73 14.92 6.64
C TYR B 246 -18.92 13.95 6.73
N ASN B 247 -18.62 12.69 7.06
CA ASN B 247 -19.59 11.59 7.07
C ASN B 247 -20.23 11.39 5.70
N SER B 248 -19.50 11.78 4.65
CA SER B 248 -20.00 11.70 3.27
C SER B 248 -21.34 12.43 3.04
N ASP B 249 -21.70 13.31 3.95
CA ASP B 249 -22.99 13.99 3.91
C ASP B 249 -22.95 15.19 2.95
N THR B 250 -23.62 15.06 1.80
CA THR B 250 -23.67 16.13 0.82
C THR B 250 -24.98 16.95 0.92
N SER B 251 -25.72 16.75 2.01
CA SER B 251 -27.09 17.24 2.07
C SER B 251 -27.16 18.65 2.68
N PHE B 252 -26.05 19.10 3.28
CA PHE B 252 -25.98 20.44 3.86
C PHE B 252 -25.67 21.52 2.81
N GLY B 253 -25.26 21.10 1.61
CA GLY B 253 -24.79 22.03 0.58
C GLY B 253 -23.45 21.61 0.00
N SER B 254 -22.94 22.42 -0.94
CA SER B 254 -21.74 22.07 -1.70
C SER B 254 -20.52 22.92 -1.40
N PHE B 255 -19.36 22.28 -1.37
CA PHE B 255 -18.07 22.98 -1.29
C PHE B 255 -17.63 23.41 -2.67
N ASP B 256 -16.98 24.56 -2.74
CA ASP B 256 -16.42 25.07 -3.99
C ASP B 256 -15.45 24.02 -4.53
N LYS B 257 -15.69 23.51 -5.72
CA LYS B 257 -14.88 22.42 -6.27
C LYS B 257 -13.46 22.85 -6.66
N ASP B 258 -13.22 24.17 -6.70
CA ASP B 258 -11.89 24.72 -6.96
C ASP B 258 -10.99 24.54 -5.75
N ILE B 259 -11.54 24.18 -4.59
CA ILE B 259 -10.70 23.84 -3.43
C ILE B 259 -9.94 22.52 -3.70
N ILE B 260 -8.62 22.64 -3.82
CA ILE B 260 -7.72 21.48 -3.95
C ILE B 260 -7.70 20.79 -2.60
N VAL B 261 -7.81 19.46 -2.58
CA VAL B 261 -7.84 18.79 -1.28
C VAL B 261 -6.54 18.11 -0.91
N SER B 262 -5.99 18.49 0.25
CA SER B 262 -4.83 17.80 0.80
C SER B 262 -5.36 16.62 1.61
N TRP B 264 -4.92 13.84 3.78
CA TRP B 264 -3.95 13.35 4.75
C TRP B 264 -4.46 12.14 5.56
N THR B 265 -5.77 12.02 5.74
CA THR B 265 -6.30 10.95 6.60
C THR B 265 -7.46 10.22 5.94
N GLY B 266 -7.52 8.91 6.17
CA GLY B 266 -8.66 8.11 5.78
C GLY B 266 -9.62 7.97 6.94
N GLY B 267 -9.34 8.67 8.03
CA GLY B 267 -10.18 8.66 9.22
C GLY B 267 -9.95 7.42 10.05
N TRP B 268 -10.78 7.21 11.04
CA TRP B 268 -10.64 6.08 11.97
C TRP B 268 -11.97 5.91 12.70
N GLY B 269 -11.96 5.15 13.79
CA GLY B 269 -13.18 4.81 14.53
C GLY B 269 -13.86 6.02 15.14
N GLY B 270 -15.02 6.39 14.62
CA GLY B 270 -15.75 7.54 15.14
C GLY B 270 -15.20 8.85 14.58
N TYR B 271 -14.48 8.77 13.47
CA TYR B 271 -14.05 9.95 12.73
C TYR B 271 -14.19 9.61 11.25
N ASP B 272 -15.39 9.83 10.71
CA ASP B 272 -15.78 9.29 9.43
C ASP B 272 -15.69 10.33 8.31
N VAL B 273 -14.53 10.43 7.68
CA VAL B 273 -14.30 11.44 6.66
C VAL B 273 -14.84 10.93 5.33
N ALA B 274 -15.08 11.86 4.40
CA ALA B 274 -15.44 11.48 3.04
C ALA B 274 -14.29 10.73 2.42
N SER B 275 -14.61 9.80 1.52
CA SER B 275 -13.60 9.06 0.81
C SER B 275 -12.98 9.96 -0.25
N SER B 276 -11.74 9.66 -0.64
CA SER B 276 -11.11 10.43 -1.71
C SER B 276 -11.85 10.17 -3.00
N LYS B 277 -12.50 9.00 -3.10
CA LYS B 277 -13.33 8.71 -4.26
C LYS B 277 -14.49 9.72 -4.38
N LEU B 278 -15.18 9.96 -3.27
CA LEU B 278 -16.26 10.93 -3.32
C LEU B 278 -15.73 12.35 -3.63
N LEU B 279 -14.64 12.74 -2.97
CA LEU B 279 -14.08 14.08 -3.21
C LEU B 279 -13.71 14.28 -4.66
N ALA B 280 -13.06 13.29 -5.27
CA ALA B 280 -12.65 13.40 -6.67
C ALA B 280 -13.84 13.44 -7.63
N GLU B 281 -14.87 12.63 -7.34
CA GLU B 281 -16.10 12.60 -8.13
C GLU B 281 -16.80 13.95 -8.08
N LYS B 282 -16.72 14.61 -6.93
CA LYS B 282 -17.25 15.97 -6.77
C LYS B 282 -16.45 17.06 -7.52
N GLY B 283 -15.31 16.68 -8.09
CA GLY B 283 -14.53 17.59 -8.92
C GLY B 283 -13.28 18.16 -8.26
N HIS B 284 -13.01 17.83 -7.00
CA HIS B 284 -11.81 18.34 -6.34
C HIS B 284 -10.55 17.66 -6.83
N GLN B 285 -9.51 18.44 -7.07
CA GLN B 285 -8.19 17.88 -7.31
C GLN B 285 -7.67 17.34 -5.99
N ILE B 286 -6.85 16.28 -6.04
CA ILE B 286 -6.37 15.64 -4.83
C ILE B 286 -4.84 15.74 -4.76
N LEU B 287 -4.34 16.28 -3.65
CA LEU B 287 -2.91 16.23 -3.35
C LEU B 287 -2.72 15.19 -2.25
N ASN B 288 -2.01 14.13 -2.60
CA ASN B 288 -1.89 13.01 -1.69
C ASN B 288 -0.93 13.36 -0.58
N THR B 289 -1.46 13.41 0.64
CA THR B 289 -0.69 13.87 1.78
C THR B 289 -0.79 12.77 2.85
N ASN B 290 -0.80 11.54 2.36
CA ASN B 290 -0.99 10.35 3.19
C ASN B 290 -0.23 10.44 4.51
N ASP B 291 -0.91 10.32 5.64
CA ASP B 291 -0.23 10.42 6.93
C ASP B 291 0.62 9.19 7.29
N ALA B 292 0.65 8.18 6.42
CA ALA B 292 1.66 7.12 6.54
C ALA B 292 3.08 7.69 6.57
N TRP B 293 3.29 8.80 5.85
CA TRP B 293 4.64 9.39 5.66
C TRP B 293 5.00 10.40 6.75
N CYS B 294 4.03 10.73 7.58
CA CYS B 294 4.10 11.93 8.40
C CYS B 294 5.01 11.74 9.65
N TYR B 295 5.58 12.86 10.13
CA TYR B 295 6.60 12.85 11.17
C TYR B 295 6.42 14.04 12.11
N VAL B 296 6.49 13.77 13.41
CA VAL B 296 6.38 14.82 14.41
C VAL B 296 7.74 15.05 15.04
N LEU B 297 8.23 16.29 14.97
CA LEU B 297 9.55 16.64 15.54
C LEU B 297 9.70 16.17 16.95
N GLY B 298 10.86 15.58 17.24
CA GLY B 298 11.18 15.06 18.56
C GLY B 298 10.83 13.58 18.68
N ARG B 299 9.89 13.09 17.87
CA ARG B 299 9.53 11.65 17.92
C ARG B 299 10.43 10.98 16.90
N ASN B 300 11.61 10.60 17.36
CA ASN B 300 12.74 10.44 16.46
C ASN B 300 13.13 9.00 16.19
N ALA B 301 12.39 8.07 16.79
CA ALA B 301 12.64 6.63 16.67
C ALA B 301 11.48 5.82 17.20
N ASP B 302 11.39 4.59 16.70
CA ASP B 302 10.40 3.64 17.20
C ASP B 302 10.32 3.70 18.73
N GLY B 303 9.10 3.80 19.26
CA GLY B 303 8.93 3.87 20.71
C GLY B 303 8.74 5.28 21.23
N GLN B 304 8.93 6.29 20.38
CA GLN B 304 8.78 7.68 20.84
C GLN B 304 7.42 8.30 20.56
N GLY B 305 6.45 7.47 20.13
CA GLY B 305 5.07 7.92 19.93
C GLY B 305 4.59 7.86 18.49
N TRP B 306 3.32 8.19 18.28
CA TRP B 306 2.74 8.17 16.94
C TRP B 306 3.45 9.19 16.00
N TYR B 307 3.65 8.78 14.76
CA TYR B 307 4.33 9.59 13.74
C TYR B 307 5.78 9.84 14.08
N ASN B 308 6.42 8.89 14.76
CA ASN B 308 7.85 8.97 14.96
C ASN B 308 8.54 8.72 13.63
N LEU B 309 9.81 9.07 13.57
CA LEU B 309 10.54 9.02 12.33
C LEU B 309 10.57 7.61 11.73
N ASP B 310 10.81 6.60 12.55
CA ASP B 310 10.82 5.21 12.07
C ASP B 310 9.50 4.78 11.43
N GLN B 311 8.39 5.15 12.07
CA GLN B 311 7.07 4.91 11.51
C GLN B 311 6.88 5.59 10.15
N GLY B 312 7.31 6.86 10.06
CA GLY B 312 7.26 7.59 8.78
C GLY B 312 8.10 6.91 7.71
N LEU B 313 9.28 6.45 8.06
CA LEU B 313 10.17 5.76 7.13
C LEU B 313 9.56 4.43 6.64
N ASN B 314 8.95 3.70 7.57
CA ASN B 314 8.23 2.47 7.23
C ASN B 314 7.00 2.75 6.37
N GLY B 315 6.25 3.80 6.68
CA GLY B 315 5.12 4.21 5.86
C GLY B 315 5.53 4.59 4.44
N ILE B 316 6.67 5.27 4.32
CA ILE B 316 7.20 5.62 3.01
C ILE B 316 7.56 4.36 2.22
N LYS B 317 8.13 3.36 2.90
CA LYS B 317 8.44 2.10 2.22
C LYS B 317 7.17 1.40 1.72
N ASN B 318 6.12 1.44 2.54
CA ASN B 318 4.91 0.65 2.31
C ASN B 318 3.79 1.36 1.58
N THR B 319 3.89 2.67 1.40
CA THR B 319 2.80 3.45 0.80
C THR B 319 3.38 4.37 -0.29
N PRO B 320 3.31 3.94 -1.57
CA PRO B 320 3.81 4.75 -2.69
C PRO B 320 3.05 6.07 -2.80
N ILE B 321 3.68 7.04 -3.48
CA ILE B 321 3.12 8.37 -3.70
C ILE B 321 1.72 8.31 -4.34
N THR B 322 1.45 7.23 -5.09
CA THR B 322 0.16 7.07 -5.76
C THR B 322 -0.94 6.51 -4.86
N SER B 323 -0.58 6.11 -3.63
CA SER B 323 -1.53 5.45 -2.74
C SER B 323 -2.22 6.43 -1.78
N VAL B 324 -3.46 6.80 -2.13
CA VAL B 324 -4.25 7.85 -1.47
C VAL B 324 -5.16 7.26 -0.37
N PRO B 325 -5.35 7.99 0.76
CA PRO B 325 -6.26 7.46 1.79
C PRO B 325 -7.68 7.25 1.28
N LYS B 326 -8.32 6.21 1.83
CA LYS B 326 -9.74 5.89 1.64
C LYS B 326 -10.24 6.01 0.20
N THR B 327 -9.70 5.19 -0.68
CA THR B 327 -10.09 5.19 -2.08
C THR B 327 -11.39 4.43 -2.38
N GLU B 328 -11.86 3.65 -1.43
CA GLU B 328 -12.96 2.70 -1.68
C GLU B 328 -12.75 1.89 -2.95
N GLY B 329 -11.49 1.52 -3.21
CA GLY B 329 -11.16 0.68 -4.34
C GLY B 329 -11.02 1.39 -5.67
N ALA B 330 -11.31 2.69 -5.71
CA ALA B 330 -11.19 3.47 -6.96
C ALA B 330 -9.75 3.89 -7.26
N ASP B 331 -9.48 4.13 -8.53
CA ASP B 331 -8.21 4.69 -9.00
C ASP B 331 -8.28 6.22 -8.91
N ILE B 332 -7.61 6.81 -7.93
CA ILE B 332 -7.72 8.26 -7.67
C ILE B 332 -6.61 9.05 -8.37
N PRO B 333 -6.96 9.91 -9.33
CA PRO B 333 -5.89 10.73 -9.93
C PRO B 333 -5.37 11.77 -8.92
N ILE B 334 -4.07 12.05 -8.98
CA ILE B 334 -3.47 13.01 -8.05
C ILE B 334 -2.71 14.12 -8.78
N ILE B 335 -2.61 15.30 -8.15
CA ILE B 335 -1.74 16.34 -8.69
C ILE B 335 -0.31 16.18 -8.17
N GLY B 336 -0.16 15.28 -7.19
CA GLY B 336 1.16 15.01 -6.62
C GLY B 336 1.05 14.50 -5.20
N GLY B 337 2.18 14.54 -4.50
CA GLY B 337 2.29 14.04 -3.14
C GLY B 337 3.08 14.96 -2.22
N VAL B 339 4.94 15.03 1.74
CA VAL B 339 5.37 14.47 3.01
C VAL B 339 5.47 15.61 4.03
N ALA B 340 4.97 15.38 5.24
CA ALA B 340 4.73 16.43 6.21
C ALA B 340 5.51 16.23 7.51
N ALA B 341 6.11 17.31 7.98
CA ALA B 341 6.73 17.35 9.30
C ALA B 341 5.97 18.33 10.16
N TRP B 342 5.63 17.91 11.39
CA TRP B 342 4.76 18.66 12.27
C TRP B 342 5.46 18.93 13.60
N ALA B 343 5.05 20.00 14.28
CA ALA B 343 5.69 20.39 15.53
C ALA B 343 4.65 20.45 16.67
N ASP B 344 3.80 19.42 16.76
CA ASP B 344 2.81 19.26 17.84
C ASP B 344 3.36 19.66 19.19
N THR B 345 4.59 19.29 19.47
CA THR B 345 5.27 19.77 20.68
C THR B 345 6.34 20.77 20.24
N PRO B 346 5.98 22.06 20.20
CA PRO B 346 6.89 23.01 19.53
C PRO B 346 8.22 23.23 20.23
N SER B 347 8.31 22.88 21.50
CA SER B 347 9.58 22.93 22.23
C SER B 347 10.54 21.79 21.86
N ALA B 348 10.08 20.82 21.07
CA ALA B 348 11.00 19.76 20.59
C ALA B 348 12.12 20.35 19.75
N ARG B 349 13.32 19.77 19.85
CA ARG B 349 14.46 20.24 19.09
C ARG B 349 14.26 19.88 17.60
N TYR B 350 14.33 20.87 16.71
CA TYR B 350 14.30 20.56 15.28
C TYR B 350 15.65 19.98 14.86
N SER B 351 15.63 18.81 14.22
CA SER B 351 16.85 18.19 13.70
C SER B 351 16.80 18.07 12.19
N PRO B 352 17.56 18.94 11.47
CA PRO B 352 17.57 18.89 10.01
C PRO B 352 17.88 17.48 9.49
N SER B 353 18.81 16.81 10.15
CA SER B 353 19.26 15.47 9.72
C SER B 353 18.09 14.46 9.64
N HIS B 354 17.23 14.45 10.66
CA HIS B 354 16.04 13.60 10.67
C HIS B 354 15.06 13.93 9.55
N LEU B 355 14.83 15.24 9.35
CA LEU B 355 13.95 15.69 8.28
C LEU B 355 14.48 15.27 6.91
N PHE B 356 15.77 15.48 6.69
CA PHE B 356 16.36 15.21 5.39
C PHE B 356 16.33 13.70 5.08
N LYS B 357 16.48 12.88 6.12
CA LYS B 357 16.38 11.43 5.96
C LYS B 357 14.98 11.06 5.45
N LEU B 358 13.96 11.61 6.10
CA LEU B 358 12.58 11.44 5.66
C LEU B 358 12.38 11.87 4.19
N ARG B 360 14.64 12.32 1.85
CA ARG B 360 15.46 11.49 0.98
CA ARG B 360 15.45 11.50 0.97
C ARG B 360 14.78 10.14 0.70
N HIS B 361 14.24 9.50 1.75
CA HIS B 361 13.52 8.22 1.57
C HIS B 361 12.30 8.34 0.68
N PHE B 362 11.52 9.41 0.87
CA PHE B 362 10.33 9.70 0.07
C PHE B 362 10.69 9.82 -1.42
N ALA B 363 11.76 10.55 -1.73
CA ALA B 363 12.23 10.66 -3.10
C ALA B 363 12.75 9.30 -3.61
N ASN B 364 13.55 8.58 -2.82
CA ASN B 364 14.07 7.27 -3.27
C ASN B 364 12.99 6.22 -3.52
N ALA B 365 11.94 6.23 -2.70
CA ALA B 365 10.90 5.23 -2.80
C ALA B 365 10.00 5.48 -3.99
N ASN B 366 10.06 6.69 -4.56
CA ASN B 366 9.20 7.06 -5.69
C ASN B 366 10.02 7.75 -6.79
N ALA B 367 11.20 7.16 -7.06
CA ALA B 367 12.28 7.84 -7.76
C ALA B 367 11.93 8.31 -9.18
N GLU B 368 10.99 7.65 -9.83
CA GLU B 368 10.50 8.07 -11.16
C GLU B 368 9.73 9.39 -11.15
N TYR B 369 9.20 9.77 -10.00
CA TYR B 369 8.42 11.00 -9.88
C TYR B 369 9.29 12.24 -9.61
N PHE B 370 10.49 12.01 -9.07
CA PHE B 370 11.39 13.07 -8.62
C PHE B 370 12.47 13.39 -9.66
N ALA B 371 12.74 14.69 -9.85
CA ALA B 371 13.78 15.14 -10.77
C ALA B 371 15.16 14.66 -10.32
N ALA B 372 16.01 14.37 -11.30
CA ALA B 372 17.39 13.97 -11.06
C ALA B 372 18.20 15.12 -10.45
N ASP B 373 19.39 14.81 -9.93
CA ASP B 373 20.24 15.84 -9.37
C ASP B 373 21.40 16.22 -10.30
N TYR B 374 21.41 17.48 -10.71
CA TYR B 374 22.37 17.97 -11.70
C TYR B 374 23.46 18.81 -11.04
N GLU B 375 23.27 19.12 -9.76
CA GLU B 375 24.12 20.07 -9.04
C GLU B 375 25.61 19.69 -8.97
N SER B 376 25.90 18.40 -8.80
CA SER B 376 27.29 17.93 -8.79
C SER B 376 27.95 18.19 -10.13
N ALA B 377 27.24 17.82 -11.19
CA ALA B 377 27.73 17.92 -12.55
C ALA B 377 28.15 19.34 -12.92
N GLU B 378 27.35 20.33 -12.52
CA GLU B 378 27.66 21.72 -12.85
C GLU B 378 28.70 22.35 -11.92
N GLN B 379 29.14 21.56 -10.93
CA GLN B 379 30.28 21.92 -10.09
C GLN B 379 31.54 21.20 -10.57
N ALA B 380 31.37 19.97 -11.04
CA ALA B 380 32.44 19.20 -11.68
C ALA B 380 32.99 19.96 -12.90
N LEU B 381 32.10 20.53 -13.71
CA LEU B 381 32.47 21.40 -14.85
C LEU B 381 33.22 22.67 -14.40
N ASN B 382 32.64 23.39 -13.43
CA ASN B 382 33.21 24.62 -12.88
C ASN B 382 34.57 24.47 -12.18
N GLU B 383 34.89 23.26 -11.74
CA GLU B 383 36.14 22.98 -11.03
C GLU B 383 37.09 22.10 -11.84
N VAL B 384 37.72 22.72 -12.84
CA VAL B 384 38.76 22.09 -13.65
C VAL B 384 40.15 22.53 -13.18
N THR B 392 48.98 19.30 -21.64
CA THR B 392 49.11 18.58 -22.91
C THR B 392 48.18 19.20 -23.95
N ALA B 393 47.97 18.48 -25.05
CA ALA B 393 47.07 18.90 -26.11
C ALA B 393 46.23 17.72 -26.64
N GLU B 394 46.70 16.50 -26.41
CA GLU B 394 45.97 15.30 -26.83
C GLU B 394 45.10 14.72 -25.71
N SER B 395 45.55 14.88 -24.47
CA SER B 395 44.75 14.50 -23.30
C SER B 395 43.77 15.64 -22.93
N VAL B 396 43.86 16.75 -23.65
CA VAL B 396 42.89 17.85 -23.56
C VAL B 396 41.61 17.47 -24.35
N ALA B 397 41.77 16.82 -25.50
CA ALA B 397 40.65 16.41 -26.36
C ALA B 397 39.85 15.21 -25.81
N ALA B 398 40.22 14.72 -24.62
CA ALA B 398 39.46 13.68 -23.95
C ALA B 398 38.63 14.27 -22.80
N VAL B 399 39.12 15.39 -22.24
CA VAL B 399 38.44 16.11 -21.16
C VAL B 399 37.34 17.05 -21.71
N LYS B 400 37.62 17.68 -22.85
CA LYS B 400 36.62 18.51 -23.53
C LYS B 400 35.50 17.64 -24.10
N GLU B 401 35.85 16.40 -24.43
CA GLU B 401 34.89 15.39 -24.88
C GLU B 401 33.94 15.00 -23.75
N ALA B 402 34.49 14.79 -22.56
CA ALA B 402 33.70 14.46 -21.37
C ALA B 402 33.08 15.71 -20.72
N GLU B 403 33.55 16.89 -21.09
CA GLU B 403 32.93 18.16 -20.70
C GLU B 403 31.62 18.36 -21.47
N LYS B 404 31.67 18.02 -22.75
CA LYS B 404 30.55 18.21 -23.68
C LYS B 404 29.42 17.21 -23.40
N ALA B 405 29.77 16.00 -23.00
CA ALA B 405 28.79 14.97 -22.67
C ALA B 405 27.98 15.34 -21.41
N ILE B 406 28.60 16.07 -20.50
CA ILE B 406 27.90 16.57 -19.31
C ILE B 406 26.97 17.72 -19.69
N ARG B 407 27.47 18.63 -20.52
CA ARG B 407 26.67 19.76 -21.01
C ARG B 407 25.46 19.29 -21.81
N SER B 408 25.63 18.18 -22.52
CA SER B 408 24.58 17.65 -23.37
C SER B 408 23.77 16.51 -22.70
N LEU B 409 23.78 16.47 -21.36
CA LEU B 409 22.89 15.54 -20.64
C LEU B 409 21.41 15.95 -20.81
N ASP B 410 20.56 14.96 -21.05
CA ASP B 410 19.12 15.14 -21.04
C ASP B 410 18.76 15.86 -19.72
N SER B 411 18.10 16.99 -19.83
CA SER B 411 17.80 17.77 -18.64
C SER B 411 16.45 17.38 -18.01
N ASN B 412 15.78 16.40 -18.61
CA ASN B 412 14.51 15.89 -18.09
C ASN B 412 14.60 14.51 -17.42
N LEU B 413 15.74 14.21 -16.82
CA LEU B 413 15.89 12.91 -16.17
C LEU B 413 15.24 12.87 -14.80
N SER B 414 14.82 11.68 -14.40
CA SER B 414 14.33 11.46 -13.06
C SER B 414 15.43 10.90 -12.18
N ARG B 415 15.15 10.91 -10.89
CA ARG B 415 16.03 10.38 -9.88
C ARG B 415 16.30 8.88 -10.10
N ALA B 416 15.35 8.16 -10.71
CA ALA B 416 15.59 6.76 -11.09
C ALA B 416 16.71 6.64 -12.15
N GLN B 417 17.09 7.75 -12.79
CA GLN B 417 18.07 7.72 -13.86
C GLN B 417 19.35 8.45 -13.48
N GLN B 418 19.57 8.62 -12.17
CA GLN B 418 20.72 9.37 -11.66
C GLN B 418 22.07 8.82 -12.15
N ASP B 419 22.12 7.53 -12.40
CA ASP B 419 23.33 6.86 -12.90
C ASP B 419 23.91 7.51 -14.15
N THR B 420 23.04 7.80 -15.12
CA THR B 420 23.41 8.44 -16.38
C THR B 420 24.23 9.70 -16.09
N ILE B 421 23.77 10.50 -15.13
CA ILE B 421 24.48 11.69 -14.74
C ILE B 421 25.79 11.33 -14.04
N ASP B 422 25.74 10.34 -13.16
CA ASP B 422 26.89 9.95 -12.34
C ASP B 422 28.07 9.42 -13.17
N GLN B 423 27.77 8.56 -14.14
CA GLN B 423 28.79 8.05 -15.07
C GLN B 423 29.43 9.14 -15.92
N ALA B 424 28.64 10.11 -16.35
CA ALA B 424 29.16 11.26 -17.08
C ALA B 424 30.16 12.03 -16.21
N ILE B 425 29.78 12.29 -14.95
CA ILE B 425 30.67 12.90 -13.95
C ILE B 425 31.96 12.08 -13.75
N ALA B 426 31.79 10.77 -13.51
CA ALA B 426 32.89 9.83 -13.32
C ALA B 426 33.87 9.84 -14.50
N LYS B 427 33.33 9.73 -15.71
CA LYS B 427 34.15 9.71 -16.92
C LYS B 427 34.90 11.03 -17.15
N LEU B 428 34.44 12.10 -16.52
CA LEU B 428 35.16 13.37 -16.54
C LEU B 428 36.31 13.37 -15.53
N GLN B 429 36.06 12.79 -14.35
CA GLN B 429 37.09 12.66 -13.31
C GLN B 429 38.19 11.66 -13.71
N GLU B 430 37.77 10.60 -14.39
CA GLU B 430 38.68 9.58 -14.92
C GLU B 430 39.61 10.20 -15.97
N THR B 431 39.07 11.14 -16.75
CA THR B 431 39.81 11.81 -17.81
C THR B 431 40.58 13.04 -17.32
N VAL B 432 40.18 13.60 -16.17
CA VAL B 432 40.87 14.78 -15.61
C VAL B 432 42.24 14.39 -15.03
N ASN B 433 42.35 13.15 -14.54
CA ASN B 433 43.62 12.58 -14.11
C ASN B 433 44.65 12.66 -15.24
N ASN B 434 44.27 12.12 -16.40
CA ASN B 434 45.11 12.11 -17.58
C ASN B 434 45.20 13.52 -18.19
#